data_3OZV
#
_entry.id   3OZV
#
_cell.length_a   87.220
_cell.length_b   87.220
_cell.length_c   291.260
_cell.angle_alpha   90.00
_cell.angle_beta   90.00
_cell.angle_gamma   90.00
#
_symmetry.space_group_name_H-M   'P 43 21 2'
#
loop_
_entity.id
_entity.type
_entity.pdbx_description
1 polymer Flavohemoglobin
2 non-polymer 'PROTOPORPHYRIN IX CONTAINING FE'
3 non-polymer 'FLAVIN-ADENINE DINUCLEOTIDE'
4 non-polymer 1-[GLYCEROLYLPHOSPHONYL]-2-[8-(2-HEXYL-CYCLOPROPYL)-OCTANAL-1-YL]-3-[HEXADECANAL-1-YL]-GLYCEROL
5 non-polymer 1-[(2S)-2-[(4-CHLOROBENZYL)OXY]-2-(2,4-DICHLOROPHENYL)ETHYL]-1H-IMIDAZOLE
6 non-polymer 'PHOSPHATE ION'
7 water water
#
_entity_poly.entity_id   1
_entity_poly.type   'polypeptide(L)'
_entity_poly.pdbx_seq_one_letter_code
;MLTQKTKDIVKATAPVLAEHGYDIIKCFYQRMFEAHPELKNVFNMAHQEQGQQQQALARAVYAYAENIEDPNSLMAVLKN
IANKHASLGVKPEQYPIVGEHLLAAIKEVLGNAATDDIISAWAQAYGNLADVLMGMESELYERSAEQPGGWKGWRTFVIR
EKRPESDVITSFILEPADGGPVVNFEPGQYTSVAIDVPALGLQQIRQYSLSDMPNGRSYRISVKREGGGPQPPGYVSNLL
HDHVNVGDQVKLAAPYGSFHIDVDAKTPIVLISGGVGLTPMVSMLKVALQAPPRQVVFVHGARNSAVHAMRDRLREAAKT
YENLDLFVFYDQPLPEDVQGRDYDYPGLVDVKQIEKSILLPDADYYICGPIPFMRMQHDALKNLGIHEARIHYEVFGPDL
FAE
;
_entity_poly.pdbx_strand_id   B,A
#
# COMPACT_ATOMS: atom_id res chain seq x y z
N MET A 1 22.37 6.50 18.04
CA MET A 1 22.64 5.22 17.31
C MET A 1 21.83 4.07 17.90
N LEU A 2 21.22 3.26 17.03
CA LEU A 2 20.29 2.24 17.49
C LEU A 2 20.96 0.98 17.97
N THR A 3 20.52 0.48 19.13
CA THR A 3 20.86 -0.87 19.62
C THR A 3 20.17 -1.95 18.77
N GLN A 4 20.61 -3.19 18.92
CA GLN A 4 19.97 -4.29 18.18
C GLN A 4 18.47 -4.38 18.52
N LYS A 5 18.15 -4.30 19.82
CA LYS A 5 16.77 -4.43 20.27
C LYS A 5 15.85 -3.39 19.62
N THR A 6 16.31 -2.15 19.60
CA THR A 6 15.61 -1.04 18.98
C THR A 6 15.42 -1.23 17.45
N LYS A 7 16.46 -1.68 16.76
CA LYS A 7 16.33 -2.03 15.38
C LYS A 7 15.28 -3.16 15.19
N ASP A 8 15.29 -4.13 16.10
CA ASP A 8 14.35 -5.28 16.06
C ASP A 8 12.89 -4.84 16.25
N ILE A 9 12.67 -3.87 17.12
CA ILE A 9 11.32 -3.40 17.34
C ILE A 9 10.82 -2.69 16.08
N VAL A 10 11.72 -1.94 15.44
CA VAL A 10 11.43 -1.24 14.19
C VAL A 10 11.07 -2.24 13.08
N LYS A 11 11.91 -3.23 12.87
CA LYS A 11 11.59 -4.28 11.87
C LYS A 11 10.23 -4.96 12.18
N ALA A 12 10.02 -5.29 13.46
CA ALA A 12 8.77 -5.93 13.91
C ALA A 12 7.52 -5.06 13.64
N THR A 13 7.63 -3.74 13.89
CA THR A 13 6.47 -2.87 13.77
C THR A 13 6.31 -2.05 12.45
N ALA A 14 7.28 -2.17 11.54
CA ALA A 14 7.19 -1.46 10.27
C ALA A 14 5.89 -1.83 9.50
N PRO A 15 5.49 -3.13 9.50
CA PRO A 15 4.18 -3.43 8.92
C PRO A 15 2.98 -2.86 9.69
N VAL A 16 3.08 -2.67 11.00
CA VAL A 16 1.96 -2.10 11.72
C VAL A 16 1.77 -0.64 11.25
N LEU A 17 2.85 0.13 11.23
CA LEU A 17 2.76 1.48 10.73
C LEU A 17 2.31 1.48 9.28
N ALA A 18 2.98 0.70 8.44
CA ALA A 18 2.61 0.74 7.05
C ALA A 18 1.12 0.43 6.83
N GLU A 19 0.56 -0.56 7.54
CA GLU A 19 -0.85 -0.99 7.41
CA GLU A 19 -0.82 -0.89 7.24
C GLU A 19 -1.83 0.07 7.90
N HIS A 20 -1.38 0.88 8.86
CA HIS A 20 -2.23 1.92 9.39
C HIS A 20 -1.80 3.28 8.84
N GLY A 21 -1.14 3.27 7.70
CA GLY A 21 -0.55 4.47 7.15
C GLY A 21 -1.55 5.57 6.94
N TYR A 22 -2.70 5.22 6.41
CA TYR A 22 -3.76 6.13 6.09
C TYR A 22 -4.14 6.98 7.29
N ASP A 23 -4.47 6.32 8.41
CA ASP A 23 -4.86 7.04 9.60
C ASP A 23 -3.72 7.81 10.17
N ILE A 24 -2.53 7.23 10.19
CA ILE A 24 -1.40 7.96 10.73
C ILE A 24 -1.13 9.21 9.91
N ILE A 25 -1.21 9.11 8.57
CA ILE A 25 -0.95 10.29 7.71
C ILE A 25 -1.99 11.38 7.98
N LYS A 26 -3.25 11.00 8.12
CA LYS A 26 -4.28 11.97 8.38
C LYS A 26 -4.05 12.68 9.71
N CYS A 27 -3.78 11.92 10.78
CA CYS A 27 -3.56 12.47 12.13
C CYS A 27 -2.31 13.34 12.22
N PHE A 28 -1.25 12.91 11.54
CA PHE A 28 -0.02 13.64 11.49
C PHE A 28 -0.20 15.07 10.91
N TYR A 29 -0.77 15.18 9.71
CA TYR A 29 -1.06 16.48 9.09
C TYR A 29 -2.07 17.30 9.89
N GLN A 30 -3.08 16.65 10.45
CA GLN A 30 -4.07 17.39 11.27
C GLN A 30 -3.33 18.12 12.43
N ARG A 31 -2.52 17.37 13.18
CA ARG A 31 -1.82 17.89 14.35
C ARG A 31 -0.79 18.94 13.97
N MET A 32 0.04 18.60 13.01
CA MET A 32 1.11 19.46 12.58
C MET A 32 0.59 20.78 12.02
N PHE A 33 -0.45 20.72 11.20
CA PHE A 33 -1.00 21.98 10.64
C PHE A 33 -1.82 22.74 11.68
N GLU A 34 -2.38 22.07 12.69
CA GLU A 34 -2.97 22.85 13.77
C GLU A 34 -1.86 23.66 14.49
N ALA A 35 -0.69 23.06 14.70
CA ALA A 35 0.37 23.73 15.44
C ALA A 35 1.20 24.68 14.57
N HIS A 36 1.39 24.33 13.28
CA HIS A 36 2.16 25.14 12.36
C HIS A 36 1.49 25.35 10.99
N PRO A 37 0.38 26.13 10.95
CA PRO A 37 -0.31 26.38 9.71
C PRO A 37 0.63 26.82 8.61
N GLU A 38 1.75 27.45 8.95
CA GLU A 38 2.63 28.03 7.91
C GLU A 38 3.25 26.94 7.02
N LEU A 39 3.39 25.74 7.60
CA LEU A 39 3.98 24.63 6.87
C LEU A 39 3.13 24.19 5.67
N LYS A 40 1.85 24.61 5.59
CA LYS A 40 1.06 24.27 4.40
C LYS A 40 1.61 24.94 3.16
N ASN A 41 2.52 25.91 3.34
CA ASN A 41 3.19 26.57 2.22
C ASN A 41 4.30 25.71 1.64
N VAL A 42 4.66 24.62 2.32
CA VAL A 42 5.79 23.79 1.90
C VAL A 42 5.33 22.42 1.40
N PHE A 43 4.30 21.88 2.03
CA PHE A 43 3.76 20.56 1.71
C PHE A 43 2.86 20.71 0.54
N ASN A 44 2.61 19.60 -0.15
CA ASN A 44 1.77 19.58 -1.32
C ASN A 44 0.32 19.40 -0.88
N MET A 45 -0.53 20.40 -1.07
CA MET A 45 -1.91 20.33 -0.53
C MET A 45 -2.81 19.43 -1.32
N ALA A 46 -2.51 19.23 -2.61
CA ALA A 46 -3.21 18.24 -3.44
C ALA A 46 -3.04 16.77 -2.94
N HIS A 47 -1.81 16.34 -2.63
CA HIS A 47 -1.54 15.02 -2.06
C HIS A 47 -2.21 14.81 -0.71
N GLN A 48 -2.51 15.91 -0.01
CA GLN A 48 -3.45 15.90 1.12
C GLN A 48 -4.82 15.32 0.71
N GLU A 49 -5.44 15.92 -0.30
CA GLU A 49 -6.80 15.55 -0.72
C GLU A 49 -6.85 14.32 -1.66
N GLN A 50 -5.67 13.78 -1.99
CA GLN A 50 -5.53 12.67 -2.93
C GLN A 50 -5.09 11.39 -2.22
N GLY A 51 -5.58 10.24 -2.69
CA GLY A 51 -5.15 8.90 -2.23
C GLY A 51 -4.42 8.89 -0.89
N GLN A 52 -3.10 8.65 -0.89
CA GLN A 52 -2.20 8.39 -2.04
C GLN A 52 -0.84 8.15 -1.45
N GLN A 53 -0.56 8.97 -0.45
CA GLN A 53 0.67 8.92 0.25
C GLN A 53 0.79 7.61 1.04
N GLN A 54 -0.31 6.86 1.19
CA GLN A 54 -0.26 5.62 2.00
C GLN A 54 0.69 4.62 1.36
N GLN A 55 0.51 4.40 0.07
CA GLN A 55 1.38 3.52 -0.70
C GLN A 55 2.83 4.04 -0.57
N ALA A 56 3.00 5.36 -0.69
CA ALA A 56 4.32 6.00 -0.57
C ALA A 56 4.95 5.77 0.79
N LEU A 57 4.19 6.02 1.85
CA LEU A 57 4.63 5.76 3.21
C LEU A 57 4.98 4.26 3.43
N ALA A 58 4.09 3.36 3.02
CA ALA A 58 4.30 1.93 3.17
C ALA A 58 5.64 1.58 2.52
N ARG A 59 5.83 1.96 1.25
CA ARG A 59 7.10 1.69 0.56
C ARG A 59 8.31 2.23 1.33
N ALA A 60 8.16 3.41 1.93
CA ALA A 60 9.26 4.01 2.64
C ALA A 60 9.57 3.30 3.96
N VAL A 61 8.57 3.04 4.83
CA VAL A 61 8.90 2.32 6.08
C VAL A 61 9.44 0.94 5.79
N TYR A 62 8.94 0.28 4.75
CA TYR A 62 9.35 -1.11 4.47
C TYR A 62 10.77 -1.12 3.95
N ALA A 63 11.19 -0.03 3.34
CA ALA A 63 12.54 0.01 2.83
C ALA A 63 13.52 0.49 3.91
N TYR A 64 13.03 1.20 4.89
CA TYR A 64 13.83 1.51 6.04
C TYR A 64 14.15 0.22 6.82
N ALA A 65 13.11 -0.54 7.19
CA ALA A 65 13.28 -1.86 7.81
C ALA A 65 14.19 -2.81 7.03
N GLU A 66 13.99 -2.92 5.72
CA GLU A 66 14.91 -3.69 4.86
C GLU A 66 16.38 -3.25 5.01
N ASN A 67 16.60 -1.95 5.18
CA ASN A 67 17.96 -1.38 5.14
C ASN A 67 18.55 -0.91 6.48
N ILE A 68 17.82 -1.10 7.57
CA ILE A 68 18.22 -0.58 8.85
C ILE A 68 19.58 -1.13 9.34
N GLU A 69 19.89 -2.36 8.96
CA GLU A 69 21.15 -3.04 9.31
C GLU A 69 22.24 -2.83 8.26
N ASP A 70 21.88 -2.15 7.17
CA ASP A 70 22.77 -2.01 6.03
C ASP A 70 22.99 -0.52 5.73
N PRO A 71 23.92 0.13 6.48
CA PRO A 71 24.20 1.57 6.42
C PRO A 71 24.52 2.09 5.01
N ASN A 72 25.18 1.30 4.17
CA ASN A 72 25.47 1.77 2.80
C ASN A 72 24.23 1.88 1.94
N SER A 73 23.46 0.80 1.88
CA SER A 73 22.11 0.81 1.31
C SER A 73 21.28 2.01 1.81
N LEU A 74 21.29 2.25 3.12
CA LEU A 74 20.49 3.30 3.75
C LEU A 74 20.86 4.71 3.28
N MET A 75 22.17 5.04 3.29
CA MET A 75 22.62 6.34 2.77
C MET A 75 22.11 6.57 1.36
N ALA A 76 22.22 5.57 0.51
CA ALA A 76 21.85 5.72 -0.90
C ALA A 76 20.40 6.19 -1.09
N VAL A 77 19.49 5.62 -0.30
CA VAL A 77 18.09 6.01 -0.44
C VAL A 77 17.84 7.36 0.19
N LEU A 78 18.47 7.58 1.35
CA LEU A 78 18.46 8.88 1.97
C LEU A 78 18.93 10.01 1.04
N LYS A 79 19.84 9.71 0.13
CA LYS A 79 20.30 10.68 -0.84
C LYS A 79 19.17 11.25 -1.72
N ASN A 80 18.26 10.39 -2.20
CA ASN A 80 17.11 10.87 -2.99
C ASN A 80 16.23 11.78 -2.16
N ILE A 81 16.04 11.44 -0.88
CA ILE A 81 15.22 12.22 0.02
C ILE A 81 15.89 13.55 0.29
N ALA A 82 17.18 13.53 0.57
CA ALA A 82 17.92 14.75 0.86
C ALA A 82 17.89 15.69 -0.33
N ASN A 83 18.05 15.17 -1.55
CA ASN A 83 17.88 16.03 -2.71
C ASN A 83 16.49 16.68 -2.83
N LYS A 84 15.43 15.92 -2.55
CA LYS A 84 14.07 16.45 -2.68
C LYS A 84 13.82 17.50 -1.61
N HIS A 85 14.16 17.20 -0.35
CA HIS A 85 14.07 18.12 0.76
C HIS A 85 14.83 19.44 0.49
N ALA A 86 15.99 19.34 -0.14
CA ALA A 86 16.80 20.52 -0.37
C ALA A 86 16.15 21.40 -1.42
N SER A 87 15.61 20.78 -2.46
CA SER A 87 14.79 21.46 -3.45
C SER A 87 13.64 22.22 -2.81
N LEU A 88 12.97 21.63 -1.82
CA LEU A 88 11.83 22.27 -1.18
C LEU A 88 12.27 23.30 -0.16
N GLY A 89 13.55 23.30 0.19
CA GLY A 89 14.05 24.23 1.19
C GLY A 89 13.76 23.80 2.63
N VAL A 90 13.84 22.49 2.89
CA VAL A 90 13.63 21.97 4.23
C VAL A 90 14.75 22.43 5.17
N LYS A 91 14.37 22.73 6.41
CA LYS A 91 15.27 23.37 7.37
C LYS A 91 15.45 22.54 8.59
N PRO A 92 16.68 22.49 9.10
CA PRO A 92 16.97 21.78 10.31
C PRO A 92 15.95 22.08 11.40
N GLU A 93 15.48 23.32 11.50
CA GLU A 93 14.62 23.60 12.67
C GLU A 93 13.20 23.01 12.52
N GLN A 94 12.89 22.54 11.31
CA GLN A 94 11.62 21.88 11.07
C GLN A 94 11.62 20.40 11.54
N TYR A 95 12.78 19.77 11.72
CA TYR A 95 12.78 18.36 12.11
C TYR A 95 12.13 18.06 13.46
N PRO A 96 12.41 18.85 14.51
CA PRO A 96 11.68 18.51 15.75
C PRO A 96 10.15 18.65 15.62
N ILE A 97 9.68 19.50 14.70
CA ILE A 97 8.27 19.75 14.56
C ILE A 97 7.65 18.50 13.95
N VAL A 98 8.20 18.08 12.80
CA VAL A 98 7.74 16.91 12.15
C VAL A 98 7.85 15.68 13.06
N GLY A 99 8.93 15.59 13.83
CA GLY A 99 9.15 14.46 14.75
C GLY A 99 8.07 14.38 15.82
N GLU A 100 7.75 15.51 16.43
CA GLU A 100 6.72 15.47 17.45
C GLU A 100 5.36 14.99 16.94
N HIS A 101 4.93 15.55 15.79
CA HIS A 101 3.57 15.28 15.33
C HIS A 101 3.46 13.90 14.75
N LEU A 102 4.54 13.40 14.16
CA LEU A 102 4.62 12.03 13.71
C LEU A 102 4.44 11.02 14.88
N LEU A 103 5.22 11.20 15.95
CA LEU A 103 5.05 10.35 17.12
C LEU A 103 3.66 10.50 17.75
N ALA A 104 3.13 11.71 17.82
CA ALA A 104 1.81 11.89 18.43
C ALA A 104 0.73 11.21 17.57
N ALA A 105 0.94 11.20 16.25
CA ALA A 105 -0.01 10.61 15.35
C ALA A 105 0.02 9.07 15.49
N ILE A 106 1.21 8.48 15.52
CA ILE A 106 1.36 7.04 15.79
C ILE A 106 0.74 6.68 17.13
N LYS A 107 1.09 7.40 18.17
CA LYS A 107 0.44 7.21 19.48
C LYS A 107 -1.09 7.17 19.35
N GLU A 108 -1.66 8.12 18.60
CA GLU A 108 -3.10 8.31 18.60
C GLU A 108 -3.81 7.14 17.94
N VAL A 109 -3.26 6.76 16.79
CA VAL A 109 -3.84 5.75 15.92
C VAL A 109 -3.73 4.39 16.60
N LEU A 110 -2.55 4.08 17.15
CA LEU A 110 -2.33 2.83 17.83
C LEU A 110 -3.14 2.68 19.12
N GLY A 111 -3.52 3.78 19.78
CA GLY A 111 -4.34 3.67 21.02
C GLY A 111 -3.64 2.91 22.13
N ASN A 112 -4.34 1.93 22.71
CA ASN A 112 -3.82 0.99 23.70
C ASN A 112 -2.58 0.22 23.29
N ALA A 113 -2.35 0.13 22.00
CA ALA A 113 -1.27 -0.67 21.52
C ALA A 113 -0.02 0.19 21.40
N ALA A 114 -0.17 1.49 21.59
CA ALA A 114 0.99 2.39 21.48
C ALA A 114 1.89 2.30 22.70
N THR A 115 2.60 1.18 22.85
CA THR A 115 3.42 0.94 24.04
C THR A 115 4.70 1.76 24.05
N ASP A 116 5.23 2.02 25.24
CA ASP A 116 6.44 2.83 25.39
C ASP A 116 7.56 2.32 24.49
N ASP A 117 7.68 1.00 24.34
CA ASP A 117 8.73 0.33 23.57
C ASP A 117 8.71 0.73 22.10
N ILE A 118 7.51 0.68 21.51
CA ILE A 118 7.30 1.04 20.13
C ILE A 118 7.49 2.53 19.92
N ILE A 119 6.84 3.33 20.72
CA ILE A 119 7.01 4.74 20.48
C ILE A 119 8.50 5.15 20.63
N SER A 120 9.16 4.56 21.63
CA SER A 120 10.53 4.95 21.95
C SER A 120 11.47 4.58 20.81
N ALA A 121 11.24 3.41 20.21
CA ALA A 121 12.06 2.93 19.11
C ALA A 121 11.91 3.79 17.87
N TRP A 122 10.67 4.10 17.51
CA TRP A 122 10.40 4.94 16.36
C TRP A 122 10.91 6.34 16.58
N ALA A 123 10.90 6.80 17.84
CA ALA A 123 11.40 8.14 18.16
C ALA A 123 12.91 8.16 17.94
N GLN A 124 13.57 7.04 18.24
CA GLN A 124 15.03 6.92 18.02
C GLN A 124 15.33 6.78 16.55
N ALA A 125 14.57 5.96 15.82
CA ALA A 125 14.74 5.88 14.35
C ALA A 125 14.60 7.25 13.73
N TYR A 126 13.57 7.98 14.13
CA TYR A 126 13.40 9.34 13.65
C TYR A 126 14.63 10.25 13.92
N GLY A 127 15.08 10.29 15.17
CA GLY A 127 16.26 11.08 15.48
C GLY A 127 17.50 10.66 14.71
N ASN A 128 17.71 9.35 14.52
CA ASN A 128 18.84 8.88 13.70
C ASN A 128 18.76 9.38 12.22
N LEU A 129 17.58 9.30 11.60
CA LEU A 129 17.43 9.72 10.23
C LEU A 129 17.51 11.25 10.11
N ALA A 130 16.92 11.95 11.07
CA ALA A 130 16.92 13.41 11.07
C ALA A 130 18.35 13.93 10.96
N ASP A 131 19.24 13.35 11.75
CA ASP A 131 20.61 13.83 11.81
C ASP A 131 21.34 13.50 10.51
N VAL A 132 21.03 12.34 9.92
CA VAL A 132 21.64 11.97 8.66
C VAL A 132 21.19 12.95 7.58
N LEU A 133 19.89 13.20 7.52
CA LEU A 133 19.32 14.05 6.46
C LEU A 133 19.74 15.53 6.56
N MET A 134 19.71 16.06 7.78
CA MET A 134 20.16 17.45 8.08
C MET A 134 21.55 17.67 7.59
N GLY A 135 22.47 16.82 8.00
CA GLY A 135 23.84 16.83 7.47
C GLY A 135 23.94 16.77 5.94
N MET A 136 23.16 15.89 5.32
CA MET A 136 23.18 15.75 3.84
C MET A 136 22.72 17.01 3.15
N GLU A 137 21.64 17.56 3.68
CA GLU A 137 20.93 18.69 3.08
C GLU A 137 21.78 19.95 3.24
N SER A 138 22.41 20.07 4.42
CA SER A 138 23.32 21.14 4.71
C SER A 138 24.51 21.14 3.74
N GLU A 139 25.09 19.97 3.49
CA GLU A 139 26.18 19.81 2.53
C GLU A 139 25.68 20.20 1.13
N LEU A 140 24.45 19.83 0.80
CA LEU A 140 23.94 20.10 -0.53
C LEU A 140 23.71 21.61 -0.71
N TYR A 141 23.25 22.26 0.36
CA TYR A 141 22.95 23.69 0.33
C TYR A 141 24.26 24.47 0.18
N GLU A 142 25.26 24.06 0.93
CA GLU A 142 26.57 24.75 0.92
C GLU A 142 27.23 24.63 -0.43
N ARG A 143 27.24 23.41 -0.99
CA ARG A 143 27.83 23.17 -2.30
C ARG A 143 27.16 23.97 -3.43
N SER A 144 25.83 24.16 -3.36
CA SER A 144 25.15 25.03 -4.33
C SER A 144 25.59 26.47 -4.13
N ALA A 145 25.60 26.91 -2.87
CA ALA A 145 25.94 28.28 -2.52
C ALA A 145 27.38 28.67 -2.91
N GLU A 146 28.29 27.70 -2.86
CA GLU A 146 29.68 28.03 -3.10
C GLU A 146 30.02 28.03 -4.58
N GLN A 147 29.11 27.54 -5.41
CA GLN A 147 29.37 27.47 -6.86
C GLN A 147 29.04 28.75 -7.61
N PRO A 148 29.69 28.97 -8.78
CA PRO A 148 29.34 30.15 -9.58
C PRO A 148 27.90 30.06 -10.04
N GLY A 149 27.19 31.18 -9.84
CA GLY A 149 25.77 31.30 -10.19
C GLY A 149 24.85 30.54 -9.26
N GLY A 150 25.41 30.09 -8.13
CA GLY A 150 24.69 29.23 -7.20
C GLY A 150 24.10 30.01 -6.04
N TRP A 151 23.12 29.42 -5.34
CA TRP A 151 22.47 30.15 -4.23
C TRP A 151 21.78 29.22 -3.25
N LYS A 152 21.43 29.76 -2.07
CA LYS A 152 20.55 29.05 -1.13
C LYS A 152 19.12 29.59 -1.21
N GLY A 153 18.15 28.76 -0.83
CA GLY A 153 16.73 29.15 -0.82
C GLY A 153 16.21 29.54 -2.20
N TRP A 154 15.27 30.49 -2.24
CA TRP A 154 14.63 30.94 -3.48
C TRP A 154 15.39 32.07 -4.17
N ARG A 155 15.58 31.95 -5.48
CA ARG A 155 16.14 33.02 -6.26
C ARG A 155 15.09 33.48 -7.28
N THR A 156 14.97 34.78 -7.46
CA THR A 156 13.95 35.32 -8.36
C THR A 156 14.34 35.18 -9.81
N PHE A 157 13.44 34.62 -10.59
CA PHE A 157 13.65 34.43 -12.01
C PHE A 157 12.51 35.11 -12.78
N VAL A 158 12.80 35.55 -14.01
CA VAL A 158 11.78 36.12 -14.87
C VAL A 158 11.63 35.25 -16.12
N ILE A 159 10.38 35.07 -16.59
CA ILE A 159 10.12 34.34 -17.84
C ILE A 159 10.55 35.18 -19.01
N ARG A 160 11.38 34.61 -19.88
CA ARG A 160 11.86 35.37 -21.04
C ARG A 160 11.22 34.90 -22.33
N GLU A 161 10.95 33.59 -22.39
CA GLU A 161 10.22 32.93 -23.49
C GLU A 161 9.28 31.88 -22.92
N LYS A 162 8.14 31.70 -23.58
CA LYS A 162 7.11 30.79 -23.17
C LYS A 162 6.60 30.19 -24.49
N ARG A 163 6.85 28.92 -24.72
CA ARG A 163 6.61 28.35 -26.04
C ARG A 163 5.87 27.01 -25.99
N PRO A 164 4.64 26.99 -26.51
CA PRO A 164 3.87 25.74 -26.56
C PRO A 164 4.54 24.66 -27.37
N GLU A 165 4.71 23.46 -26.80
CA GLU A 165 5.26 22.33 -27.53
C GLU A 165 4.16 21.39 -28.04
N SER A 166 3.04 21.34 -27.34
CA SER A 166 1.82 20.69 -27.84
C SER A 166 0.59 21.30 -27.15
N ASP A 167 -0.55 20.69 -27.34
CA ASP A 167 -1.76 21.12 -26.67
C ASP A 167 -1.62 21.11 -25.14
N VAL A 168 -0.70 20.31 -24.59
CA VAL A 168 -0.60 20.20 -23.12
C VAL A 168 0.75 20.57 -22.51
N ILE A 169 1.81 20.53 -23.30
CA ILE A 169 3.13 20.97 -22.80
C ILE A 169 3.60 22.36 -23.31
N THR A 170 4.04 23.19 -22.38
CA THR A 170 4.65 24.47 -22.72
C THR A 170 6.02 24.66 -22.07
N SER A 171 6.99 25.15 -22.83
CA SER A 171 8.34 25.43 -22.28
C SER A 171 8.43 26.84 -21.76
N PHE A 172 9.16 27.03 -20.67
CA PHE A 172 9.42 28.34 -20.11
C PHE A 172 10.93 28.52 -20.07
N ILE A 173 11.45 29.60 -20.67
CA ILE A 173 12.85 29.91 -20.50
C ILE A 173 12.98 31.00 -19.46
N LEU A 174 13.75 30.73 -18.42
CA LEU A 174 13.85 31.62 -17.30
C LEU A 174 15.25 32.12 -17.11
N GLU A 175 15.36 33.44 -16.98
CA GLU A 175 16.60 34.11 -16.65
C GLU A 175 16.40 34.69 -15.27
N PRO A 176 17.50 34.94 -14.53
CA PRO A 176 17.34 35.49 -13.17
C PRO A 176 17.14 37.02 -13.18
N ALA A 177 16.28 37.51 -12.29
CA ALA A 177 15.98 38.94 -12.21
C ALA A 177 17.21 39.79 -11.90
N ASP A 178 18.24 39.21 -11.31
CA ASP A 178 19.43 40.02 -11.01
C ASP A 178 20.37 40.07 -12.19
N GLY A 179 20.14 39.22 -13.19
CA GLY A 179 20.96 39.18 -14.40
C GLY A 179 22.37 38.59 -14.31
N GLY A 180 22.73 38.03 -13.15
CA GLY A 180 23.99 37.29 -12.99
C GLY A 180 23.94 35.85 -13.52
N PRO A 181 25.02 35.08 -13.35
CA PRO A 181 25.08 33.68 -13.79
C PRO A 181 24.21 32.69 -13.01
N VAL A 182 23.97 31.53 -13.61
CA VAL A 182 23.19 30.48 -12.97
C VAL A 182 24.05 29.24 -12.83
N VAL A 183 23.91 28.58 -11.70
CA VAL A 183 24.68 27.37 -11.48
C VAL A 183 24.40 26.29 -12.54
N ASN A 184 25.48 25.72 -13.03
CA ASN A 184 25.51 24.43 -13.70
C ASN A 184 24.65 23.37 -13.00
N PHE A 185 24.29 22.34 -13.77
CA PHE A 185 23.53 21.20 -13.25
C PHE A 185 23.81 19.95 -14.10
N GLU A 186 23.58 18.77 -13.54
CA GLU A 186 23.69 17.56 -14.35
C GLU A 186 22.36 17.26 -15.07
N PRO A 187 22.44 16.83 -16.33
CA PRO A 187 21.23 16.56 -17.13
C PRO A 187 20.42 15.42 -16.51
N GLY A 188 19.20 15.72 -16.09
CA GLY A 188 18.40 14.81 -15.31
C GLY A 188 17.94 15.46 -14.01
N GLN A 189 18.70 16.43 -13.52
CA GLN A 189 18.31 17.13 -12.29
C GLN A 189 17.12 18.05 -12.50
N TYR A 190 16.57 18.54 -11.40
CA TYR A 190 15.41 19.40 -11.47
C TYR A 190 15.56 20.69 -10.67
N THR A 191 14.69 21.65 -10.93
CA THR A 191 14.51 22.77 -10.04
C THR A 191 13.16 22.60 -9.34
N SER A 192 12.90 23.46 -8.36
CA SER A 192 11.55 23.64 -7.86
C SER A 192 11.13 25.07 -8.14
N VAL A 193 9.85 25.22 -8.50
CA VAL A 193 9.15 26.47 -8.60
C VAL A 193 8.23 26.70 -7.39
N ALA A 194 8.43 27.80 -6.68
CA ALA A 194 7.57 28.16 -5.55
C ALA A 194 6.73 29.33 -6.00
N ILE A 195 5.41 29.22 -5.87
CA ILE A 195 4.54 30.23 -6.37
C ILE A 195 3.24 30.31 -5.53
N ASP A 196 2.64 31.50 -5.44
CA ASP A 196 1.42 31.70 -4.68
C ASP A 196 0.23 31.19 -5.47
N VAL A 197 -0.64 30.46 -4.79
CA VAL A 197 -1.79 29.84 -5.42
C VAL A 197 -3.02 30.51 -4.85
N PRO A 198 -3.58 31.51 -5.56
CA PRO A 198 -4.74 32.24 -4.99
C PRO A 198 -5.96 31.36 -4.60
N ALA A 199 -6.24 30.29 -5.35
CA ALA A 199 -7.29 29.33 -4.95
C ALA A 199 -7.07 28.75 -3.54
N LEU A 200 -5.81 28.63 -3.15
CA LEU A 200 -5.47 28.07 -1.84
C LEU A 200 -5.21 29.11 -0.76
N GLY A 201 -4.86 30.35 -1.16
CA GLY A 201 -4.35 31.34 -0.21
C GLY A 201 -2.98 30.89 0.36
N LEU A 202 -2.24 30.09 -0.40
CA LEU A 202 -0.98 29.50 0.07
C LEU A 202 0.03 29.45 -1.06
N GLN A 203 1.31 29.44 -0.71
CA GLN A 203 2.34 29.14 -1.70
C GLN A 203 2.27 27.63 -1.93
N GLN A 204 2.65 27.19 -3.13
CA GLN A 204 2.89 25.76 -3.36
C GLN A 204 4.21 25.61 -4.16
N ILE A 205 4.86 24.43 -4.04
CA ILE A 205 6.16 24.18 -4.64
C ILE A 205 6.04 22.92 -5.49
N ARG A 206 6.60 22.98 -6.71
CA ARG A 206 6.57 21.83 -7.63
C ARG A 206 7.93 21.68 -8.32
N GLN A 207 8.40 20.44 -8.48
CA GLN A 207 9.67 20.19 -9.16
C GLN A 207 9.52 20.13 -10.67
N TYR A 208 10.46 20.73 -11.41
CA TYR A 208 10.47 20.61 -12.86
C TYR A 208 11.87 20.24 -13.35
N SER A 209 11.96 19.15 -14.10
CA SER A 209 13.21 18.74 -14.74
C SER A 209 13.80 19.89 -15.51
N LEU A 210 15.09 20.07 -15.45
CA LEU A 210 15.70 21.13 -16.24
C LEU A 210 15.88 20.57 -17.65
N SER A 211 15.02 20.99 -18.55
CA SER A 211 14.87 20.24 -19.78
C SER A 211 15.79 20.69 -20.91
N ASP A 212 16.84 21.43 -20.56
CA ASP A 212 17.86 21.86 -21.52
C ASP A 212 19.25 21.65 -20.95
N MET A 213 20.30 21.94 -21.74
CA MET A 213 21.70 21.92 -21.28
C MET A 213 21.96 23.13 -20.37
N PRO A 214 22.94 23.02 -19.44
CA PRO A 214 23.24 24.09 -18.44
C PRO A 214 23.41 25.55 -18.98
N ASN A 215 24.25 25.74 -19.99
CA ASN A 215 24.54 27.06 -20.64
C ASN A 215 24.95 28.31 -19.80
N GLY A 216 24.97 28.17 -18.49
CA GLY A 216 25.46 29.26 -17.65
C GLY A 216 24.65 30.56 -17.50
N ARG A 217 23.51 30.70 -18.19
CA ARG A 217 22.73 31.95 -18.17
C ARG A 217 21.20 31.81 -17.96
N SER A 218 20.61 30.73 -18.45
CA SER A 218 19.18 30.55 -18.33
C SER A 218 18.84 29.08 -18.10
N TYR A 219 17.59 28.81 -17.72
CA TYR A 219 17.12 27.44 -17.50
C TYR A 219 15.87 27.25 -18.30
N ARG A 220 15.57 25.99 -18.62
CA ARG A 220 14.35 25.70 -19.39
C ARG A 220 13.60 24.53 -18.80
N ILE A 221 12.30 24.72 -18.61
CA ILE A 221 11.40 23.71 -18.08
C ILE A 221 10.18 23.57 -19.00
N SER A 222 9.63 22.35 -19.05
CA SER A 222 8.50 22.03 -19.86
C SER A 222 7.38 21.49 -18.99
N VAL A 223 6.29 22.25 -18.92
CA VAL A 223 5.22 21.96 -18.00
C VAL A 223 4.01 21.35 -18.73
N LYS A 224 3.68 20.11 -18.39
CA LYS A 224 2.43 19.53 -18.80
C LYS A 224 1.32 20.17 -17.99
N ARG A 225 0.26 20.60 -18.67
CA ARG A 225 -0.95 21.06 -18.01
C ARG A 225 -1.69 19.86 -17.43
N GLU A 226 -1.89 19.84 -16.11
CA GLU A 226 -2.68 18.76 -15.53
C GLU A 226 -4.15 19.06 -15.34
N GLY A 227 -4.94 18.12 -15.85
CA GLY A 227 -6.20 17.73 -15.19
C GLY A 227 -7.44 18.26 -15.81
N GLY A 228 -8.50 17.51 -15.55
CA GLY A 228 -9.71 17.49 -16.33
C GLY A 228 -10.19 16.09 -16.04
N GLY A 229 -9.97 15.18 -17.00
CA GLY A 229 -10.28 13.76 -16.84
C GLY A 229 -11.39 13.54 -15.83
N PRO A 230 -11.21 12.58 -14.92
CA PRO A 230 -12.05 12.55 -13.71
C PRO A 230 -11.41 13.33 -12.55
N GLN A 231 -10.21 13.82 -12.73
CA GLN A 231 -9.47 14.40 -11.62
C GLN A 231 -9.43 15.93 -11.63
N PRO A 232 -9.24 16.56 -10.46
CA PRO A 232 -9.11 18.01 -10.47
C PRO A 232 -7.95 18.53 -11.32
N PRO A 233 -8.14 19.71 -11.95
CA PRO A 233 -6.98 20.42 -12.50
C PRO A 233 -5.90 20.64 -11.42
N GLY A 234 -4.65 20.50 -11.80
CA GLY A 234 -3.57 20.72 -10.91
C GLY A 234 -3.38 22.19 -10.67
N TYR A 235 -2.92 22.55 -9.47
CA TYR A 235 -2.88 23.95 -9.11
C TYR A 235 -1.81 24.70 -9.86
N VAL A 236 -0.58 24.18 -9.79
CA VAL A 236 0.58 24.93 -10.25
C VAL A 236 0.75 24.89 -11.77
N SER A 237 0.59 23.73 -12.37
CA SER A 237 0.76 23.65 -13.80
C SER A 237 -0.24 24.55 -14.51
N ASN A 238 -1.53 24.49 -14.13
CA ASN A 238 -2.49 25.38 -14.81
C ASN A 238 -2.17 26.85 -14.60
N LEU A 239 -1.75 27.17 -13.39
CA LEU A 239 -1.40 28.53 -13.04
C LEU A 239 -0.16 28.99 -13.81
N LEU A 240 0.75 28.07 -14.10
CA LEU A 240 1.90 28.40 -14.92
C LEU A 240 1.45 28.63 -16.35
N HIS A 241 0.63 27.73 -16.86
CA HIS A 241 0.15 27.88 -18.22
C HIS A 241 -0.63 29.18 -18.46
N ASP A 242 -1.44 29.60 -17.50
CA ASP A 242 -2.42 30.66 -17.78
C ASP A 242 -2.13 32.03 -17.17
N HIS A 243 -1.31 32.09 -16.12
CA HIS A 243 -1.13 33.35 -15.41
C HIS A 243 0.32 33.78 -15.24
N VAL A 244 1.27 32.93 -15.62
CA VAL A 244 2.67 33.31 -15.58
C VAL A 244 3.14 33.47 -17.02
N ASN A 245 3.31 34.72 -17.44
CA ASN A 245 3.69 35.00 -18.81
C ASN A 245 5.05 35.64 -18.92
N VAL A 246 5.45 35.95 -20.16
CA VAL A 246 6.69 36.64 -20.41
C VAL A 246 6.71 37.92 -19.57
N GLY A 247 7.84 38.16 -18.89
CA GLY A 247 8.02 39.33 -18.05
C GLY A 247 7.56 39.15 -16.61
N ASP A 248 6.88 38.03 -16.33
CA ASP A 248 6.50 37.71 -14.94
C ASP A 248 7.63 37.00 -14.24
N GLN A 249 7.57 37.01 -12.91
CA GLN A 249 8.62 36.44 -12.08
C GLN A 249 8.15 35.20 -11.32
N VAL A 250 9.05 34.22 -11.18
CA VAL A 250 8.81 33.07 -10.29
C VAL A 250 10.04 32.80 -9.41
N LYS A 251 9.81 32.22 -8.24
CA LYS A 251 10.95 31.84 -7.41
C LYS A 251 11.43 30.43 -7.75
N LEU A 252 12.76 30.27 -7.91
CA LEU A 252 13.38 28.95 -8.19
C LEU A 252 14.40 28.48 -7.19
N ALA A 253 14.35 27.17 -6.90
CA ALA A 253 15.41 26.50 -6.16
C ALA A 253 16.57 26.16 -7.10
N ALA A 254 17.76 26.00 -6.52
CA ALA A 254 18.94 25.57 -7.23
C ALA A 254 18.70 24.14 -7.66
N PRO A 255 19.40 23.68 -8.72
CA PRO A 255 19.29 22.32 -9.22
C PRO A 255 19.56 21.29 -8.13
N TYR A 256 18.68 20.29 -8.02
CA TYR A 256 18.95 19.11 -7.18
C TYR A 256 18.54 17.86 -7.94
N GLY A 257 18.87 16.70 -7.38
CA GLY A 257 18.46 15.46 -7.99
C GLY A 257 19.62 14.51 -8.12
N SER A 258 19.33 13.23 -7.87
CA SER A 258 20.35 12.20 -7.96
C SER A 258 20.14 11.31 -9.20
N PHE A 259 19.08 11.61 -9.97
CA PHE A 259 18.86 10.98 -11.26
C PHE A 259 19.53 11.85 -12.32
N HIS A 260 20.72 11.45 -12.74
CA HIS A 260 21.42 12.12 -13.85
C HIS A 260 22.49 11.22 -14.50
N ILE A 261 22.81 11.55 -15.75
CA ILE A 261 23.92 10.90 -16.48
C ILE A 261 25.26 11.27 -15.84
N ASP A 262 26.27 10.43 -16.03
CA ASP A 262 27.63 10.87 -15.79
C ASP A 262 28.14 11.47 -17.10
N VAL A 263 28.50 12.76 -17.08
CA VAL A 263 28.94 13.48 -18.30
C VAL A 263 30.35 13.10 -18.79
N ASP A 264 31.10 12.39 -17.95
CA ASP A 264 32.49 12.01 -18.25
C ASP A 264 32.64 10.57 -18.79
N ALA A 265 31.59 9.76 -18.66
CA ALA A 265 31.63 8.34 -19.04
C ALA A 265 31.36 8.09 -20.53
N LYS A 266 32.18 7.22 -21.13
CA LYS A 266 32.08 6.94 -22.57
C LYS A 266 31.10 5.79 -22.89
N THR A 267 30.65 5.11 -21.83
CA THR A 267 29.58 4.10 -21.91
C THR A 267 28.26 4.69 -22.44
N PRO A 268 27.67 4.05 -23.48
CA PRO A 268 26.45 4.51 -24.17
C PRO A 268 25.20 4.63 -23.28
N ILE A 269 24.28 5.52 -23.67
CA ILE A 269 23.03 5.79 -22.93
C ILE A 269 21.74 5.51 -23.73
N VAL A 270 20.77 4.86 -23.07
CA VAL A 270 19.43 4.61 -23.64
C VAL A 270 18.43 5.45 -22.81
N LEU A 271 17.54 6.17 -23.51
CA LEU A 271 16.58 7.07 -22.85
C LEU A 271 15.13 6.66 -23.15
N ILE A 272 14.43 6.18 -22.12
CA ILE A 272 13.11 5.54 -22.26
C ILE A 272 12.08 6.37 -21.49
N SER A 273 11.12 6.99 -22.21
CA SER A 273 10.24 7.99 -21.59
C SER A 273 8.80 8.00 -22.10
N GLY A 274 7.86 8.32 -21.20
CA GLY A 274 6.44 8.38 -21.53
C GLY A 274 5.80 9.72 -21.21
N GLY A 275 5.00 10.25 -22.14
CA GLY A 275 4.32 11.55 -21.98
C GLY A 275 5.27 12.69 -21.61
N VAL A 276 4.98 13.37 -20.50
CA VAL A 276 5.86 14.45 -20.02
C VAL A 276 7.19 13.92 -19.51
N GLY A 277 7.30 12.60 -19.43
CA GLY A 277 8.53 11.93 -18.97
C GLY A 277 9.80 12.29 -19.73
N LEU A 278 9.65 12.70 -21.00
CA LEU A 278 10.79 13.03 -21.89
C LEU A 278 11.68 14.22 -21.47
N THR A 279 11.22 15.01 -20.52
CA THR A 279 11.89 16.27 -20.15
C THR A 279 13.38 16.20 -19.66
N PRO A 280 13.75 15.23 -18.77
CA PRO A 280 15.19 15.16 -18.49
C PRO A 280 15.98 14.41 -19.57
N MET A 281 15.27 13.60 -20.38
CA MET A 281 15.88 12.84 -21.49
C MET A 281 16.37 13.80 -22.58
N VAL A 282 15.70 14.96 -22.68
CA VAL A 282 16.04 15.99 -23.66
C VAL A 282 17.33 16.73 -23.24
N SER A 283 17.47 16.98 -21.94
CA SER A 283 18.72 17.53 -21.40
C SER A 283 19.86 16.53 -21.57
N MET A 284 19.56 15.26 -21.32
CA MET A 284 20.54 14.17 -21.43
C MET A 284 20.96 13.98 -22.87
N LEU A 285 19.96 13.82 -23.74
CA LEU A 285 20.14 13.74 -25.19
C LEU A 285 21.09 14.84 -25.68
N LYS A 286 20.76 16.08 -25.34
CA LYS A 286 21.45 17.28 -25.82
C LYS A 286 22.89 17.49 -25.31
N VAL A 287 23.23 16.94 -24.14
CA VAL A 287 24.61 17.00 -23.62
C VAL A 287 25.44 15.78 -24.08
N ALA A 288 24.83 14.60 -24.07
CA ALA A 288 25.43 13.38 -24.60
C ALA A 288 25.75 13.53 -26.09
N LEU A 289 24.97 14.38 -26.76
CA LEU A 289 25.12 14.64 -28.20
C LEU A 289 26.43 15.36 -28.54
N GLN A 290 27.08 15.95 -27.53
CA GLN A 290 28.42 16.52 -27.68
C GLN A 290 29.47 15.39 -27.64
N ALA A 291 30.54 15.56 -28.42
CA ALA A 291 31.43 14.46 -28.76
C ALA A 291 32.87 14.57 -28.17
N PRO A 292 33.63 13.45 -28.10
CA PRO A 292 33.38 12.06 -28.56
C PRO A 292 31.95 11.53 -28.26
N PRO A 293 31.23 11.08 -29.32
CA PRO A 293 29.77 10.86 -29.40
C PRO A 293 29.11 10.30 -28.14
N ARG A 294 28.57 9.08 -28.22
CA ARG A 294 28.24 8.28 -27.05
C ARG A 294 28.05 6.77 -27.32
N GLN A 295 27.01 6.32 -28.02
CA GLN A 295 25.97 7.12 -28.70
C GLN A 295 24.64 7.17 -27.90
N VAL A 296 23.62 7.83 -28.44
CA VAL A 296 22.32 7.99 -27.76
C VAL A 296 21.13 7.37 -28.54
N VAL A 297 20.34 6.55 -27.84
CA VAL A 297 19.09 5.99 -28.39
C VAL A 297 17.88 6.57 -27.65
N PHE A 298 16.94 7.15 -28.40
CA PHE A 298 15.80 7.88 -27.83
C PHE A 298 14.46 7.14 -28.02
N VAL A 299 13.97 6.55 -26.92
CA VAL A 299 12.67 5.88 -26.87
C VAL A 299 11.60 6.77 -26.18
N HIS A 300 10.63 7.21 -26.97
CA HIS A 300 9.54 8.05 -26.46
C HIS A 300 8.15 7.49 -26.83
N GLY A 301 7.35 7.27 -25.79
CA GLY A 301 5.96 6.87 -25.97
C GLY A 301 5.05 8.04 -25.66
N ALA A 302 4.05 8.24 -26.53
CA ALA A 302 3.02 9.27 -26.38
C ALA A 302 1.68 8.76 -26.92
N ARG A 303 0.59 9.45 -26.56
CA ARG A 303 -0.72 9.13 -27.09
C ARG A 303 -0.74 9.32 -28.61
N ASN A 304 -0.50 10.56 -29.04
CA ASN A 304 -0.50 10.95 -30.47
C ASN A 304 0.23 12.28 -30.70
N SER A 305 0.15 12.84 -31.91
CA SER A 305 0.88 14.06 -32.28
C SER A 305 0.30 15.32 -31.63
N ALA A 306 -0.95 15.24 -31.17
CA ALA A 306 -1.63 16.33 -30.47
C ALA A 306 -1.03 16.60 -29.07
N VAL A 307 -0.34 15.59 -28.52
CA VAL A 307 0.22 15.67 -27.17
C VAL A 307 1.76 15.49 -27.11
N HIS A 308 2.34 14.94 -28.19
CA HIS A 308 3.79 14.68 -28.31
C HIS A 308 4.66 15.94 -28.42
N ALA A 309 5.46 16.17 -27.38
CA ALA A 309 6.31 17.35 -27.23
C ALA A 309 7.58 17.34 -28.10
N MET A 310 7.85 18.51 -28.68
CA MET A 310 9.06 18.73 -29.51
C MET A 310 9.18 17.68 -30.63
N ARG A 311 8.10 17.59 -31.41
CA ARG A 311 7.91 16.53 -32.40
C ARG A 311 8.97 16.54 -33.50
N ASP A 312 9.02 17.61 -34.30
CA ASP A 312 9.98 17.64 -35.41
C ASP A 312 11.38 18.13 -35.02
N ARG A 313 11.52 18.73 -33.85
CA ARG A 313 12.85 19.11 -33.33
C ARG A 313 13.69 17.88 -33.05
N LEU A 314 13.05 16.83 -32.52
CA LEU A 314 13.68 15.53 -32.26
C LEU A 314 13.94 14.76 -33.55
N ARG A 315 13.20 15.12 -34.61
CA ARG A 315 13.35 14.50 -35.94
C ARG A 315 14.50 15.12 -36.71
N GLU A 316 14.60 16.45 -36.66
CA GLU A 316 15.72 17.21 -37.21
C GLU A 316 17.05 16.71 -36.63
N ALA A 317 17.04 16.37 -35.34
CA ALA A 317 18.22 15.82 -34.66
C ALA A 317 18.55 14.39 -35.07
N ALA A 318 17.55 13.64 -35.54
CA ALA A 318 17.70 12.22 -35.88
C ALA A 318 18.50 11.97 -37.16
N LYS A 319 18.37 12.88 -38.11
CA LYS A 319 19.03 12.78 -39.42
C LYS A 319 20.34 13.58 -39.52
N THR A 320 20.69 14.30 -38.46
CA THR A 320 21.85 15.21 -38.47
C THR A 320 23.09 14.62 -37.75
N TYR A 321 22.87 13.76 -36.77
CA TYR A 321 23.95 13.37 -35.86
C TYR A 321 24.70 12.08 -36.20
N GLU A 322 23.94 10.98 -36.34
CA GLU A 322 24.48 9.63 -36.54
C GLU A 322 24.64 8.90 -35.20
N ASN A 323 24.92 9.68 -34.15
CA ASN A 323 25.04 9.16 -32.80
C ASN A 323 23.66 8.91 -32.18
N LEU A 324 22.63 9.54 -32.75
CA LEU A 324 21.26 9.39 -32.29
C LEU A 324 20.51 8.30 -33.05
N ASP A 325 19.78 7.50 -32.30
CA ASP A 325 18.80 6.58 -32.87
C ASP A 325 17.48 6.88 -32.17
N LEU A 326 16.57 7.51 -32.89
CA LEU A 326 15.26 7.87 -32.37
C LEU A 326 14.22 6.80 -32.72
N PHE A 327 13.48 6.36 -31.70
CA PHE A 327 12.36 5.42 -31.86
C PHE A 327 11.13 5.96 -31.14
N VAL A 328 9.99 6.03 -31.85
CA VAL A 328 8.77 6.66 -31.33
C VAL A 328 7.53 5.75 -31.46
N PHE A 329 6.82 5.59 -30.35
CA PHE A 329 5.59 4.79 -30.29
C PHE A 329 4.39 5.68 -30.02
N TYR A 330 3.29 5.44 -30.74
CA TYR A 330 2.02 6.12 -30.50
C TYR A 330 0.98 5.09 -30.03
N ASP A 331 0.35 5.34 -28.88
CA ASP A 331 -0.61 4.40 -28.30
C ASP A 331 -1.90 4.30 -29.15
N GLN A 332 -2.69 5.38 -29.17
CA GLN A 332 -3.81 5.48 -30.13
C GLN A 332 -3.66 6.74 -31.01
N PRO A 333 -2.96 6.59 -32.15
CA PRO A 333 -2.68 7.71 -33.07
C PRO A 333 -3.93 8.36 -33.71
N LEU A 334 -3.81 9.66 -34.01
CA LEU A 334 -4.88 10.45 -34.64
C LEU A 334 -5.07 10.06 -36.12
N PRO A 335 -6.21 10.45 -36.73
CA PRO A 335 -6.43 10.14 -38.15
C PRO A 335 -5.32 10.65 -39.09
N GLU A 336 -4.86 11.89 -38.89
CA GLU A 336 -3.84 12.50 -39.75
C GLU A 336 -2.44 11.86 -39.64
N ASP A 337 -2.08 11.41 -38.43
CA ASP A 337 -0.77 10.79 -38.13
C ASP A 337 -0.47 9.55 -38.98
N VAL A 338 0.38 9.71 -39.99
CA VAL A 338 0.77 8.57 -40.85
C VAL A 338 1.98 7.82 -40.29
N GLN A 339 1.96 6.50 -40.39
CA GLN A 339 3.02 5.65 -39.82
C GLN A 339 4.29 5.67 -40.66
N GLY A 340 5.42 5.37 -40.02
CA GLY A 340 6.71 5.38 -40.67
C GLY A 340 7.33 6.77 -40.70
N ARG A 341 6.55 7.74 -41.15
CA ARG A 341 7.00 9.14 -41.24
C ARG A 341 7.08 9.81 -39.86
N ASP A 342 5.93 9.96 -39.19
CA ASP A 342 5.87 10.69 -37.93
C ASP A 342 6.29 9.80 -36.75
N TYR A 343 5.60 8.68 -36.59
CA TYR A 343 5.92 7.71 -35.54
C TYR A 343 6.56 6.45 -36.12
N ASP A 344 7.13 5.62 -35.24
CA ASP A 344 7.80 4.38 -35.66
C ASP A 344 6.94 3.12 -35.44
N TYR A 345 6.27 3.02 -34.30
CA TYR A 345 5.45 1.84 -34.00
C TYR A 345 4.12 2.16 -33.29
N PRO A 346 3.08 1.34 -33.53
CA PRO A 346 1.81 1.49 -32.79
C PRO A 346 1.90 0.85 -31.40
N GLY A 347 0.92 1.13 -30.54
CA GLY A 347 0.85 0.54 -29.19
C GLY A 347 1.79 1.16 -28.17
N LEU A 348 1.80 0.60 -26.97
CA LEU A 348 2.70 1.05 -25.90
C LEU A 348 4.15 0.74 -26.24
N VAL A 349 5.09 1.51 -25.70
CA VAL A 349 6.52 1.25 -25.91
C VAL A 349 6.85 -0.21 -25.62
N ASP A 350 7.42 -0.87 -26.62
CA ASP A 350 7.73 -2.29 -26.58
C ASP A 350 9.18 -2.45 -27.02
N VAL A 351 10.02 -2.85 -26.06
CA VAL A 351 11.46 -2.90 -26.24
C VAL A 351 11.95 -4.03 -27.14
N LYS A 352 11.09 -5.04 -27.33
CA LYS A 352 11.36 -6.27 -28.10
C LYS A 352 11.39 -6.12 -29.63
N GLN A 353 10.62 -5.15 -30.14
CA GLN A 353 10.58 -4.85 -31.58
C GLN A 353 11.86 -4.17 -32.01
N ILE A 354 12.36 -3.28 -31.14
CA ILE A 354 13.58 -2.51 -31.36
C ILE A 354 14.77 -3.10 -30.57
N GLU A 355 14.73 -4.43 -30.38
CA GLU A 355 15.62 -5.14 -29.43
C GLU A 355 17.13 -5.01 -29.68
N LYS A 356 17.51 -5.03 -30.96
CA LYS A 356 18.93 -4.90 -31.35
C LYS A 356 19.43 -3.44 -31.45
N SER A 357 18.55 -2.49 -31.13
CA SER A 357 18.89 -1.06 -31.07
C SER A 357 19.09 -0.58 -29.64
N ILE A 358 18.52 -1.31 -28.68
CA ILE A 358 18.59 -0.90 -27.29
C ILE A 358 19.77 -1.53 -26.56
N LEU A 359 20.20 -2.70 -27.02
CA LEU A 359 21.26 -3.45 -26.34
C LEU A 359 22.67 -3.10 -26.85
N LEU A 360 23.07 -1.84 -26.69
CA LEU A 360 24.44 -1.44 -26.96
C LEU A 360 25.35 -1.99 -25.86
N PRO A 361 26.47 -2.65 -26.24
CA PRO A 361 27.42 -3.23 -25.27
C PRO A 361 27.73 -2.31 -24.09
N ASP A 362 27.42 -2.78 -22.88
CA ASP A 362 27.51 -1.99 -21.62
C ASP A 362 26.80 -0.62 -21.59
N ALA A 363 25.50 -0.61 -21.87
CA ALA A 363 24.72 0.63 -21.88
C ALA A 363 24.14 0.98 -20.50
N ASP A 364 23.69 2.23 -20.36
CA ASP A 364 22.99 2.72 -19.19
C ASP A 364 21.58 3.11 -19.60
N TYR A 365 20.57 2.58 -18.92
CA TYR A 365 19.19 2.72 -19.38
C TYR A 365 18.42 3.62 -18.45
N TYR A 366 17.99 4.78 -18.97
CA TYR A 366 17.25 5.79 -18.20
C TYR A 366 15.75 5.74 -18.49
N ILE A 367 14.95 5.78 -17.41
CA ILE A 367 13.52 5.51 -17.47
C ILE A 367 12.74 6.51 -16.63
N CYS A 368 11.72 7.09 -17.25
CA CYS A 368 10.91 8.17 -16.66
C CYS A 368 9.56 8.30 -17.39
N GLY A 369 8.49 8.08 -16.64
CA GLY A 369 7.13 8.33 -17.12
C GLY A 369 6.14 7.95 -16.03
N PRO A 370 4.85 7.79 -16.39
CA PRO A 370 3.90 7.23 -15.40
C PRO A 370 4.42 5.87 -14.88
N ILE A 371 3.96 5.48 -13.69
CA ILE A 371 4.45 4.26 -13.03
C ILE A 371 4.14 2.94 -13.77
N PRO A 372 2.90 2.78 -14.31
CA PRO A 372 2.74 1.68 -15.26
C PRO A 372 3.43 2.04 -16.59
N PHE A 373 4.66 1.56 -16.72
CA PHE A 373 5.67 2.03 -17.71
C PHE A 373 7.00 1.95 -16.93
N MET A 374 7.12 2.75 -15.86
CA MET A 374 8.26 2.65 -14.95
C MET A 374 8.26 1.31 -14.20
N ARG A 375 7.20 0.53 -14.42
CA ARG A 375 7.06 -0.80 -13.85
C ARG A 375 6.97 -1.85 -14.97
N MET A 376 6.99 -1.38 -16.21
CA MET A 376 6.90 -2.22 -17.39
C MET A 376 8.19 -2.13 -18.23
N GLN A 377 8.77 -0.93 -18.30
CA GLN A 377 10.10 -0.72 -18.89
C GLN A 377 11.17 -1.19 -17.91
N HIS A 378 10.81 -1.24 -16.63
CA HIS A 378 11.61 -1.86 -15.61
C HIS A 378 11.60 -3.38 -15.81
N ASP A 379 10.42 -3.95 -16.07
CA ASP A 379 10.23 -5.40 -16.23
C ASP A 379 10.79 -5.97 -17.54
N ALA A 380 10.34 -5.38 -18.65
CA ALA A 380 10.68 -5.85 -20.00
C ALA A 380 12.20 -5.82 -20.26
N LEU A 381 12.85 -4.78 -19.75
CA LEU A 381 14.29 -4.56 -19.91
C LEU A 381 15.10 -5.55 -19.04
N LYS A 382 14.58 -5.85 -17.86
CA LYS A 382 15.23 -6.76 -16.91
C LYS A 382 15.19 -8.22 -17.38
N ASN A 383 14.30 -8.52 -18.34
CA ASN A 383 14.25 -9.85 -18.97
C ASN A 383 15.37 -10.13 -19.98
N LEU A 384 16.27 -9.15 -20.15
CA LEU A 384 17.31 -9.20 -21.18
C LEU A 384 18.72 -9.36 -20.64
N GLY A 385 18.86 -9.78 -19.39
CA GLY A 385 20.17 -9.99 -18.78
C GLY A 385 20.85 -8.71 -18.33
N ILE A 386 20.15 -7.58 -18.50
CA ILE A 386 20.63 -6.24 -18.09
C ILE A 386 20.66 -6.10 -16.56
N HIS A 387 21.74 -5.50 -16.06
CA HIS A 387 21.98 -5.36 -14.61
C HIS A 387 21.25 -4.17 -13.98
N GLU A 388 20.80 -4.38 -12.75
CA GLU A 388 20.04 -3.39 -11.99
C GLU A 388 20.79 -2.05 -11.83
N ALA A 389 22.10 -2.15 -11.66
CA ALA A 389 22.97 -0.98 -11.54
C ALA A 389 22.83 -0.11 -12.78
N ARG A 390 22.67 -0.76 -13.93
CA ARG A 390 22.63 -0.07 -15.23
C ARG A 390 21.26 0.56 -15.60
N ILE A 391 20.28 0.44 -14.69
CA ILE A 391 18.99 1.09 -14.85
C ILE A 391 18.92 2.33 -13.95
N HIS A 392 18.25 3.37 -14.44
CA HIS A 392 17.99 4.56 -13.65
C HIS A 392 16.55 5.02 -13.78
N TYR A 393 16.06 5.71 -12.75
CA TYR A 393 14.65 6.06 -12.60
C TYR A 393 14.39 7.40 -11.87
N GLU A 394 13.54 8.22 -12.48
CA GLU A 394 12.99 9.39 -11.82
C GLU A 394 11.48 9.28 -11.90
N VAL A 395 10.82 9.43 -10.74
CA VAL A 395 9.36 9.50 -10.68
C VAL A 395 8.97 10.98 -10.56
N PHE A 396 7.86 11.35 -11.19
CA PHE A 396 7.31 12.71 -11.13
C PHE A 396 6.19 12.81 -10.09
N GLY A 397 6.45 12.22 -8.92
CA GLY A 397 5.54 12.21 -7.77
C GLY A 397 6.27 11.49 -6.64
N PRO A 398 5.52 10.88 -5.69
CA PRO A 398 6.14 10.02 -4.65
C PRO A 398 7.09 8.94 -5.24
N ASP A 399 8.37 9.01 -4.88
CA ASP A 399 9.48 8.38 -5.63
C ASP A 399 9.90 6.96 -5.24
N LEU A 400 9.08 6.26 -4.46
CA LEU A 400 9.55 5.02 -3.87
C LEU A 400 8.94 3.76 -4.53
N PHE A 401 8.48 3.92 -5.78
CA PHE A 401 7.62 2.94 -6.46
C PHE A 401 8.29 1.95 -7.42
N ALA A 402 8.93 2.46 -8.47
CA ALA A 402 9.44 1.62 -9.57
C ALA A 402 10.55 0.64 -9.16
N GLU A 403 11.49 1.12 -8.32
CA GLU A 403 12.67 0.36 -7.85
C GLU A 403 12.98 -0.91 -8.64
N MET B 1 -13.15 -20.30 38.70
CA MET B 1 -13.98 -19.04 38.70
C MET B 1 -13.33 -17.96 39.55
N LEU B 2 -13.41 -16.71 39.11
CA LEU B 2 -12.56 -15.67 39.67
C LEU B 2 -13.19 -14.87 40.82
N THR B 3 -12.49 -14.83 41.96
CA THR B 3 -12.88 -14.00 43.07
C THR B 3 -12.84 -12.51 42.66
N GLN B 4 -13.54 -11.66 43.39
CA GLN B 4 -13.52 -10.23 43.11
C GLN B 4 -12.08 -9.72 43.14
N LYS B 5 -11.31 -10.24 44.11
CA LYS B 5 -9.94 -9.84 44.35
C LYS B 5 -9.04 -10.21 43.19
N THR B 6 -9.27 -11.39 42.63
CA THR B 6 -8.52 -11.84 41.47
C THR B 6 -8.80 -10.96 40.26
N LYS B 7 -10.07 -10.61 40.00
CA LYS B 7 -10.39 -9.73 38.86
C LYS B 7 -9.76 -8.34 39.01
N ASP B 8 -9.71 -7.84 40.24
CA ASP B 8 -9.11 -6.53 40.54
C ASP B 8 -7.62 -6.45 40.25
N ILE B 9 -6.92 -7.55 40.51
CA ILE B 9 -5.52 -7.67 40.14
C ILE B 9 -5.35 -7.67 38.62
N VAL B 10 -6.22 -8.39 37.93
CA VAL B 10 -6.23 -8.42 36.46
C VAL B 10 -6.47 -7.00 35.94
N LYS B 11 -7.45 -6.30 36.50
CA LYS B 11 -7.76 -4.94 36.07
C LYS B 11 -6.61 -3.97 36.34
N ALA B 12 -5.92 -4.17 37.46
CA ALA B 12 -4.84 -3.28 37.83
C ALA B 12 -3.57 -3.58 37.04
N THR B 13 -3.36 -4.85 36.64
CA THR B 13 -2.10 -5.22 35.96
C THR B 13 -2.09 -5.42 34.45
N ALA B 14 -3.26 -5.40 33.81
CA ALA B 14 -3.28 -5.56 32.37
C ALA B 14 -2.35 -4.57 31.65
N PRO B 15 -2.28 -3.30 32.11
CA PRO B 15 -1.38 -2.38 31.39
C PRO B 15 0.09 -2.84 31.41
N VAL B 16 0.51 -3.44 32.52
CA VAL B 16 1.88 -3.93 32.65
C VAL B 16 2.16 -5.00 31.59
N LEU B 17 1.23 -5.95 31.42
CA LEU B 17 1.35 -6.98 30.41
C LEU B 17 1.32 -6.44 28.99
N ALA B 18 0.42 -5.49 28.74
CA ALA B 18 0.35 -4.89 27.44
C ALA B 18 1.65 -4.14 27.14
N GLU B 19 2.19 -3.43 28.12
CA GLU B 19 3.47 -2.71 27.95
C GLU B 19 4.67 -3.59 27.63
N HIS B 20 4.69 -4.79 28.20
CA HIS B 20 5.78 -5.73 27.96
C HIS B 20 5.43 -6.79 26.95
N GLY B 21 4.40 -6.52 26.16
CA GLY B 21 3.91 -7.48 25.19
C GLY B 21 4.97 -8.03 24.24
N TYR B 22 5.74 -7.15 23.63
CA TYR B 22 6.80 -7.57 22.73
C TYR B 22 7.71 -8.62 23.37
N ASP B 23 8.26 -8.32 24.54
CA ASP B 23 9.20 -9.24 25.12
C ASP B 23 8.53 -10.54 25.54
N ILE B 24 7.32 -10.45 26.08
CA ILE B 24 6.56 -11.62 26.45
C ILE B 24 6.32 -12.53 25.25
N ILE B 25 5.69 -11.99 24.20
CA ILE B 25 5.47 -12.74 22.98
C ILE B 25 6.73 -13.44 22.49
N LYS B 26 7.82 -12.69 22.41
CA LYS B 26 9.11 -13.21 22.00
C LYS B 26 9.58 -14.37 22.90
N CYS B 27 9.38 -14.23 24.22
CA CYS B 27 9.81 -15.23 25.15
C CYS B 27 8.87 -16.44 25.10
N PHE B 28 7.58 -16.17 25.00
CA PHE B 28 6.59 -17.21 24.97
C PHE B 28 6.87 -18.19 23.82
N TYR B 29 7.00 -17.67 22.59
CA TYR B 29 7.31 -18.49 21.43
C TYR B 29 8.67 -19.17 21.51
N GLN B 30 9.69 -18.49 22.05
CA GLN B 30 10.98 -19.16 22.16
C GLN B 30 10.83 -20.42 23.05
N ARG B 31 10.19 -20.26 24.21
CA ARG B 31 9.94 -21.34 25.15
C ARG B 31 9.01 -22.43 24.56
N MET B 32 7.92 -22.03 23.96
CA MET B 32 6.98 -23.03 23.50
C MET B 32 7.55 -23.92 22.40
N PHE B 33 8.19 -23.31 21.40
CA PHE B 33 8.71 -24.05 20.25
C PHE B 33 9.92 -24.92 20.60
N GLU B 34 10.70 -24.53 21.62
CA GLU B 34 11.77 -25.38 22.13
C GLU B 34 11.21 -26.67 22.77
N ALA B 35 10.12 -26.51 23.52
CA ALA B 35 9.47 -27.62 24.19
C ALA B 35 8.73 -28.45 23.16
N HIS B 36 8.07 -27.76 22.23
CA HIS B 36 7.19 -28.38 21.26
C HIS B 36 7.40 -27.84 19.86
N PRO B 37 8.48 -28.25 19.20
CA PRO B 37 8.65 -27.69 17.87
C PRO B 37 7.46 -27.95 16.95
N GLU B 38 6.72 -29.03 17.16
CA GLU B 38 5.71 -29.44 16.17
C GLU B 38 4.62 -28.36 16.05
N LEU B 39 4.53 -27.50 17.08
CA LEU B 39 3.55 -26.42 17.10
C LEU B 39 3.82 -25.36 16.06
N LYS B 40 5.02 -25.35 15.49
CA LYS B 40 5.33 -24.44 14.38
C LYS B 40 4.53 -24.71 13.11
N ASN B 41 3.84 -25.84 13.03
CA ASN B 41 3.03 -26.19 11.86
C ASN B 41 1.61 -25.61 11.99
N VAL B 42 1.30 -25.08 13.16
CA VAL B 42 -0.04 -24.59 13.46
C VAL B 42 -0.01 -23.06 13.52
N PHE B 43 1.05 -22.44 14.07
CA PHE B 43 1.19 -20.98 14.07
C PHE B 43 1.67 -20.39 12.75
N ASN B 44 1.49 -19.08 12.57
CA ASN B 44 1.97 -18.40 11.38
C ASN B 44 3.46 -18.08 11.57
N MET B 45 4.33 -18.47 10.65
CA MET B 45 5.78 -18.24 10.86
C MET B 45 6.30 -16.97 10.18
N ALA B 46 5.49 -16.33 9.34
CA ALA B 46 5.79 -14.99 8.88
C ALA B 46 5.70 -14.10 10.11
N HIS B 47 4.45 -13.78 10.49
CA HIS B 47 4.07 -12.81 11.56
C HIS B 47 4.86 -11.51 11.79
N GLN B 48 5.94 -11.38 11.02
CA GLN B 48 6.61 -10.12 10.75
C GLN B 48 7.41 -9.51 11.92
N GLU B 49 7.93 -10.32 12.86
CA GLU B 49 7.74 -11.77 12.95
C GLU B 49 6.76 -12.05 14.10
N GLN B 50 6.23 -10.96 14.67
CA GLN B 50 5.47 -10.90 15.94
C GLN B 50 4.78 -9.54 16.20
N GLY B 51 5.00 -8.56 15.33
CA GLY B 51 4.52 -7.17 15.52
C GLY B 51 3.01 -7.04 15.63
N GLN B 52 2.33 -7.60 14.64
CA GLN B 52 0.88 -7.64 14.60
C GLN B 52 0.26 -8.26 15.84
N GLN B 53 0.87 -9.34 16.36
CA GLN B 53 0.39 -9.99 17.59
C GLN B 53 0.58 -9.13 18.82
N GLN B 54 1.67 -8.35 18.87
CA GLN B 54 1.86 -7.45 20.02
C GLN B 54 0.70 -6.45 20.05
N GLN B 55 0.33 -5.91 18.88
CA GLN B 55 -0.84 -5.01 18.80
C GLN B 55 -2.07 -5.73 19.31
N ALA B 56 -2.30 -6.92 18.78
CA ALA B 56 -3.46 -7.73 19.15
C ALA B 56 -3.47 -8.01 20.63
N LEU B 57 -2.37 -8.57 21.14
CA LEU B 57 -2.20 -8.77 22.57
C LEU B 57 -2.53 -7.54 23.44
N ALA B 58 -1.97 -6.37 23.10
CA ALA B 58 -2.21 -5.14 23.86
C ALA B 58 -3.69 -4.76 23.95
N ARG B 59 -4.38 -4.84 22.80
CA ARG B 59 -5.82 -4.59 22.73
C ARG B 59 -6.61 -5.65 23.50
N ALA B 60 -6.19 -6.90 23.35
CA ALA B 60 -6.92 -8.01 23.98
C ALA B 60 -6.83 -8.01 25.54
N VAL B 61 -5.65 -7.79 26.13
CA VAL B 61 -5.61 -7.71 27.58
C VAL B 61 -6.38 -6.52 28.12
N TYR B 62 -6.32 -5.38 27.44
CA TYR B 62 -7.07 -4.25 27.89
C TYR B 62 -8.55 -4.56 27.85
N ALA B 63 -9.03 -5.04 26.71
CA ALA B 63 -10.47 -5.25 26.56
C ALA B 63 -10.95 -6.28 27.58
N TYR B 64 -10.17 -7.34 27.78
CA TYR B 64 -10.46 -8.35 28.79
C TYR B 64 -10.62 -7.73 30.18
N ALA B 65 -9.62 -7.00 30.62
CA ALA B 65 -9.68 -6.32 31.90
C ALA B 65 -10.87 -5.35 31.94
N GLU B 66 -11.19 -4.73 30.81
CA GLU B 66 -12.25 -3.73 30.80
C GLU B 66 -13.63 -4.36 30.83
N ASN B 67 -13.71 -5.65 30.57
CA ASN B 67 -14.96 -6.36 30.50
C ASN B 67 -15.04 -7.58 31.42
N ILE B 68 -14.10 -7.71 32.34
CA ILE B 68 -14.07 -8.87 33.23
C ILE B 68 -15.31 -8.98 34.16
N GLU B 69 -16.01 -7.86 34.37
CA GLU B 69 -17.25 -7.90 35.15
C GLU B 69 -18.49 -8.14 34.28
N ASP B 70 -18.32 -8.31 32.97
CA ASP B 70 -19.44 -8.43 32.05
C ASP B 70 -19.29 -9.70 31.21
N PRO B 71 -19.78 -10.84 31.75
CA PRO B 71 -19.59 -12.15 31.13
C PRO B 71 -20.22 -12.27 29.74
N ASN B 72 -21.33 -11.58 29.50
CA ASN B 72 -21.99 -11.58 28.20
C ASN B 72 -21.12 -11.02 27.09
N SER B 73 -20.55 -9.84 27.31
CA SER B 73 -19.62 -9.23 26.33
C SER B 73 -18.42 -10.11 26.07
N LEU B 74 -18.00 -10.82 27.12
CA LEU B 74 -16.86 -11.67 27.08
C LEU B 74 -17.20 -12.93 26.28
N MET B 75 -18.40 -13.49 26.48
CA MET B 75 -18.82 -14.70 25.73
C MET B 75 -18.82 -14.48 24.22
N ALA B 76 -19.24 -13.29 23.79
CA ALA B 76 -19.30 -12.93 22.36
C ALA B 76 -17.94 -12.98 21.66
N VAL B 77 -16.90 -12.38 22.23
CA VAL B 77 -15.60 -12.46 21.56
C VAL B 77 -14.93 -13.83 21.72
N LEU B 78 -15.15 -14.46 22.87
CA LEU B 78 -14.76 -15.87 23.01
C LEU B 78 -15.30 -16.72 21.86
N LYS B 79 -16.56 -16.50 21.44
CA LYS B 79 -17.12 -17.21 20.29
C LYS B 79 -16.31 -16.99 19.02
N ASN B 80 -15.79 -15.78 18.82
CA ASN B 80 -15.03 -15.54 17.58
C ASN B 80 -13.69 -16.29 17.70
N ILE B 81 -13.11 -16.28 18.89
CA ILE B 81 -11.87 -17.02 19.09
C ILE B 81 -12.09 -18.54 18.92
N ALA B 82 -13.08 -19.10 19.63
CA ALA B 82 -13.41 -20.53 19.41
C ALA B 82 -13.51 -20.86 17.92
N ASN B 83 -14.22 -20.03 17.18
CA ASN B 83 -14.36 -20.31 15.75
C ASN B 83 -13.02 -20.36 15.06
N LYS B 84 -12.15 -19.41 15.35
CA LYS B 84 -10.82 -19.36 14.73
C LYS B 84 -9.95 -20.56 15.14
N HIS B 85 -9.99 -20.91 16.43
CA HIS B 85 -9.26 -22.09 16.96
C HIS B 85 -9.78 -23.40 16.34
N ALA B 86 -11.10 -23.50 16.16
CA ALA B 86 -11.73 -24.71 15.58
C ALA B 86 -11.22 -24.89 14.15
N SER B 87 -11.22 -23.80 13.38
CA SER B 87 -10.66 -23.78 12.03
C SER B 87 -9.19 -24.23 11.99
N LEU B 88 -8.39 -23.92 13.00
CA LEU B 88 -6.97 -24.25 12.97
C LEU B 88 -6.75 -25.66 13.47
N GLY B 89 -7.78 -26.22 14.12
CA GLY B 89 -7.72 -27.59 14.71
C GLY B 89 -7.06 -27.57 16.07
N VAL B 90 -7.28 -26.50 16.85
CA VAL B 90 -6.73 -26.39 18.21
C VAL B 90 -7.34 -27.47 19.13
N LYS B 91 -6.51 -28.10 19.94
CA LYS B 91 -6.88 -29.34 20.68
C LYS B 91 -6.86 -29.12 22.17
N PRO B 92 -7.82 -29.70 22.91
CA PRO B 92 -7.79 -29.46 24.39
C PRO B 92 -6.43 -29.72 25.06
N GLU B 93 -5.64 -30.63 24.47
CA GLU B 93 -4.40 -31.10 25.10
C GLU B 93 -3.32 -30.08 24.86
N GLN B 94 -3.58 -29.12 23.98
CA GLN B 94 -2.64 -28.02 23.80
C GLN B 94 -2.77 -26.87 24.82
N TYR B 95 -3.92 -26.77 25.49
CA TYR B 95 -4.12 -25.72 26.53
C TYR B 95 -3.10 -25.74 27.67
N PRO B 96 -2.81 -26.91 28.27
CA PRO B 96 -1.72 -26.87 29.29
C PRO B 96 -0.35 -26.41 28.79
N ILE B 97 -0.10 -26.62 27.48
CA ILE B 97 1.20 -26.29 26.87
C ILE B 97 1.33 -24.77 26.72
N VAL B 98 0.36 -24.15 26.06
CA VAL B 98 0.29 -22.70 25.93
C VAL B 98 0.36 -22.08 27.31
N GLY B 99 -0.45 -22.60 28.25
CA GLY B 99 -0.50 -22.03 29.59
C GLY B 99 0.86 -21.95 30.27
N GLU B 100 1.61 -23.06 30.25
CA GLU B 100 2.86 -23.06 30.98
C GLU B 100 3.83 -22.05 30.38
N HIS B 101 3.91 -22.00 29.06
CA HIS B 101 4.90 -21.16 28.44
C HIS B 101 4.49 -19.70 28.55
N LEU B 102 3.22 -19.42 28.42
CA LEU B 102 2.72 -18.06 28.59
C LEU B 102 3.06 -17.55 29.97
N LEU B 103 2.75 -18.37 30.98
CA LEU B 103 3.03 -17.98 32.36
C LEU B 103 4.51 -17.91 32.64
N ALA B 104 5.27 -18.88 32.16
CA ALA B 104 6.74 -18.81 32.31
C ALA B 104 7.27 -17.54 31.61
N ALA B 105 6.74 -17.22 30.44
CA ALA B 105 7.15 -15.99 29.75
C ALA B 105 6.83 -14.72 30.54
N ILE B 106 5.58 -14.59 30.97
CA ILE B 106 5.12 -13.44 31.72
C ILE B 106 6.00 -13.24 32.97
N LYS B 107 6.33 -14.37 33.60
CA LYS B 107 7.11 -14.37 34.81
C LYS B 107 8.54 -13.94 34.55
N GLU B 108 9.14 -14.41 33.46
CA GLU B 108 10.52 -14.06 33.13
C GLU B 108 10.61 -12.60 32.64
N VAL B 109 9.61 -12.14 31.92
CA VAL B 109 9.69 -10.76 31.45
C VAL B 109 9.42 -9.76 32.58
N LEU B 110 8.46 -10.03 33.45
CA LEU B 110 8.13 -9.08 34.50
C LEU B 110 9.17 -9.08 35.59
N GLY B 111 9.86 -10.22 35.72
CA GLY B 111 10.93 -10.40 36.69
C GLY B 111 10.45 -10.06 38.09
N ASN B 112 11.01 -8.99 38.63
CA ASN B 112 10.64 -8.52 39.96
C ASN B 112 9.20 -8.07 40.10
N ALA B 113 8.63 -7.50 39.05
CA ALA B 113 7.26 -7.07 39.10
C ALA B 113 6.27 -8.25 39.12
N ALA B 114 6.73 -9.47 38.82
CA ALA B 114 5.83 -10.65 38.77
C ALA B 114 5.63 -11.26 40.13
N THR B 115 4.84 -10.56 40.95
CA THR B 115 4.52 -11.04 42.29
C THR B 115 3.61 -12.27 42.23
N ASP B 116 3.60 -13.00 43.32
CA ASP B 116 2.74 -14.15 43.49
C ASP B 116 1.27 -13.87 43.16
N ASP B 117 0.75 -12.78 43.71
CA ASP B 117 -0.62 -12.34 43.46
C ASP B 117 -0.85 -12.14 41.99
N ILE B 118 0.08 -11.50 41.32
CA ILE B 118 -0.09 -11.22 39.91
C ILE B 118 -0.02 -12.48 39.06
N ILE B 119 0.96 -13.33 39.30
CA ILE B 119 1.09 -14.58 38.55
C ILE B 119 -0.10 -15.49 38.83
N SER B 120 -0.58 -15.50 40.06
CA SER B 120 -1.73 -16.30 40.44
C SER B 120 -2.98 -15.86 39.68
N ALA B 121 -3.19 -14.55 39.58
CA ALA B 121 -4.35 -13.97 38.97
C ALA B 121 -4.45 -14.24 37.49
N TRP B 122 -3.40 -13.95 36.72
CA TRP B 122 -3.39 -14.33 35.31
C TRP B 122 -3.39 -15.85 35.06
N ALA B 123 -2.79 -16.63 35.94
CA ALA B 123 -2.87 -18.06 35.77
C ALA B 123 -4.33 -18.56 35.89
N GLN B 124 -5.10 -18.01 36.83
CA GLN B 124 -6.52 -18.34 36.98
C GLN B 124 -7.33 -17.86 35.80
N ALA B 125 -6.92 -16.74 35.22
CA ALA B 125 -7.62 -16.17 34.09
C ALA B 125 -7.31 -17.00 32.86
N TYR B 126 -6.10 -17.53 32.82
CA TYR B 126 -5.79 -18.39 31.70
C TYR B 126 -6.71 -19.65 31.82
N GLY B 127 -6.79 -20.23 33.00
CA GLY B 127 -7.57 -21.44 33.20
C GLY B 127 -9.07 -21.28 32.98
N ASN B 128 -9.61 -20.12 33.38
CA ASN B 128 -11.01 -19.83 33.24
C ASN B 128 -11.38 -19.79 31.79
N LEU B 129 -10.54 -19.10 31.03
CA LEU B 129 -10.75 -18.92 29.62
C LEU B 129 -10.53 -20.19 28.81
N ALA B 130 -9.42 -20.89 29.08
CA ALA B 130 -9.15 -22.24 28.55
C ALA B 130 -10.38 -23.13 28.70
N ASP B 131 -10.96 -23.20 29.88
CA ASP B 131 -12.14 -24.01 30.04
C ASP B 131 -13.29 -23.64 29.10
N VAL B 132 -13.60 -22.34 29.01
CA VAL B 132 -14.72 -21.86 28.24
C VAL B 132 -14.45 -22.21 26.78
N LEU B 133 -13.26 -21.85 26.30
CA LEU B 133 -12.88 -22.07 24.90
C LEU B 133 -12.93 -23.56 24.47
N MET B 134 -12.26 -24.43 25.24
CA MET B 134 -12.29 -25.89 25.01
C MET B 134 -13.73 -26.44 24.83
N GLY B 135 -14.61 -26.16 25.80
CA GLY B 135 -16.04 -26.45 25.68
C GLY B 135 -16.72 -25.90 24.40
N MET B 136 -16.34 -24.71 23.95
CA MET B 136 -16.97 -24.12 22.79
C MET B 136 -16.43 -24.76 21.53
N GLU B 137 -15.11 -24.93 21.50
CA GLU B 137 -14.42 -25.59 20.38
C GLU B 137 -14.92 -27.05 20.25
N SER B 138 -15.06 -27.76 21.36
CA SER B 138 -15.55 -29.12 21.28
C SER B 138 -16.93 -29.17 20.66
N GLU B 139 -17.86 -28.38 21.20
CA GLU B 139 -19.23 -28.26 20.65
C GLU B 139 -19.27 -27.92 19.17
N LEU B 140 -18.37 -27.05 18.70
CA LEU B 140 -18.25 -26.76 17.26
C LEU B 140 -17.70 -27.92 16.43
N TYR B 141 -16.70 -28.65 16.99
CA TYR B 141 -16.19 -29.88 16.36
C TYR B 141 -17.28 -30.99 16.20
N GLU B 142 -18.00 -31.26 17.27
CA GLU B 142 -19.13 -32.17 17.15
C GLU B 142 -20.21 -31.75 16.14
N ARG B 143 -20.50 -30.46 16.04
CA ARG B 143 -21.55 -30.03 15.10
C ARG B 143 -21.10 -30.19 13.65
N SER B 144 -19.83 -29.93 13.39
CA SER B 144 -19.36 -30.13 12.04
C SER B 144 -19.45 -31.63 11.76
N ALA B 145 -18.92 -32.45 12.68
CA ALA B 145 -18.80 -33.88 12.45
C ALA B 145 -20.14 -34.57 12.09
N GLU B 146 -21.21 -34.20 12.79
CA GLU B 146 -22.50 -34.80 12.66
C GLU B 146 -23.31 -34.42 11.44
N GLN B 147 -23.03 -33.25 10.85
CA GLN B 147 -23.84 -32.79 9.71
C GLN B 147 -23.52 -33.49 8.41
N PRO B 148 -24.49 -33.56 7.49
CA PRO B 148 -24.18 -34.14 6.19
C PRO B 148 -22.99 -33.44 5.54
N GLY B 149 -21.97 -34.22 5.22
CA GLY B 149 -20.80 -33.72 4.52
C GLY B 149 -19.75 -33.16 5.44
N GLY B 150 -20.01 -33.23 6.75
CA GLY B 150 -19.11 -32.62 7.74
C GLY B 150 -17.96 -33.53 8.11
N TRP B 151 -17.00 -33.00 8.86
CA TRP B 151 -15.84 -33.77 9.29
C TRP B 151 -15.14 -32.99 10.38
N LYS B 152 -14.22 -33.66 11.07
CA LYS B 152 -13.31 -33.05 12.05
C LYS B 152 -11.89 -33.09 11.48
N GLY B 153 -11.04 -32.12 11.84
CA GLY B 153 -9.64 -32.10 11.39
C GLY B 153 -9.59 -31.73 9.92
N TRP B 154 -8.67 -32.32 9.17
CA TRP B 154 -8.45 -31.94 7.77
C TRP B 154 -9.10 -32.92 6.83
N ARG B 155 -9.64 -32.42 5.72
CA ARG B 155 -10.12 -33.30 4.65
C ARG B 155 -9.35 -32.96 3.39
N THR B 156 -9.01 -33.97 2.62
CA THR B 156 -8.26 -33.71 1.40
C THR B 156 -9.16 -33.23 0.26
N PHE B 157 -8.78 -32.12 -0.36
CA PHE B 157 -9.52 -31.60 -1.49
C PHE B 157 -8.61 -31.55 -2.70
N VAL B 158 -9.22 -31.65 -3.89
CA VAL B 158 -8.49 -31.52 -5.12
C VAL B 158 -8.92 -30.22 -5.83
N ILE B 159 -7.98 -29.51 -6.45
CA ILE B 159 -8.30 -28.34 -7.24
C ILE B 159 -8.90 -28.84 -8.55
N ARG B 160 -10.13 -28.44 -8.82
CA ARG B 160 -10.79 -28.78 -10.10
C ARG B 160 -10.65 -27.64 -11.11
N GLU B 161 -10.89 -26.41 -10.65
CA GLU B 161 -10.72 -25.21 -11.46
C GLU B 161 -9.77 -24.19 -10.78
N LYS B 162 -8.95 -23.53 -11.59
CA LYS B 162 -8.16 -22.39 -11.14
C LYS B 162 -8.38 -21.27 -12.17
N ARG B 163 -9.15 -20.24 -11.79
CA ARG B 163 -9.34 -19.08 -12.68
C ARG B 163 -8.90 -17.74 -12.11
N PRO B 164 -8.09 -17.00 -12.88
CA PRO B 164 -7.80 -15.61 -12.53
C PRO B 164 -9.08 -14.78 -12.43
N GLU B 165 -9.19 -13.93 -11.40
CA GLU B 165 -10.33 -13.00 -11.31
C GLU B 165 -9.92 -11.57 -11.66
N SER B 166 -8.64 -11.26 -11.45
CA SER B 166 -7.98 -10.01 -11.85
C SER B 166 -6.49 -10.28 -11.81
N ASP B 167 -5.69 -9.25 -12.08
CA ASP B 167 -4.24 -9.32 -11.98
C ASP B 167 -3.69 -9.96 -10.68
N VAL B 168 -4.47 -9.93 -9.58
CA VAL B 168 -3.92 -10.26 -8.25
C VAL B 168 -4.75 -11.31 -7.51
N ILE B 169 -5.99 -11.51 -7.92
CA ILE B 169 -6.86 -12.43 -7.24
C ILE B 169 -7.19 -13.62 -8.12
N THR B 170 -6.94 -14.85 -7.64
CA THR B 170 -7.25 -16.07 -8.40
C THR B 170 -8.20 -16.98 -7.64
N SER B 171 -9.19 -17.56 -8.34
CA SER B 171 -10.13 -18.47 -7.66
C SER B 171 -9.68 -19.90 -7.76
N PHE B 172 -9.99 -20.68 -6.72
CA PHE B 172 -9.77 -22.13 -6.71
C PHE B 172 -11.07 -22.81 -6.36
N ILE B 173 -11.48 -23.75 -7.20
CA ILE B 173 -12.69 -24.51 -6.94
C ILE B 173 -12.23 -25.87 -6.48
N LEU B 174 -12.77 -26.31 -5.34
CA LEU B 174 -12.26 -27.47 -4.64
C LEU B 174 -13.33 -28.53 -4.38
N GLU B 175 -13.00 -29.77 -4.70
CA GLU B 175 -13.83 -30.93 -4.43
C GLU B 175 -13.03 -31.91 -3.57
N PRO B 176 -13.70 -32.60 -2.61
CA PRO B 176 -12.98 -33.57 -1.77
C PRO B 176 -12.41 -34.69 -2.62
N ALA B 177 -11.18 -35.13 -2.33
CA ALA B 177 -10.62 -36.30 -3.04
C ALA B 177 -11.45 -37.59 -2.83
N ASP B 178 -12.20 -37.66 -1.73
CA ASP B 178 -13.04 -38.82 -1.43
C ASP B 178 -14.32 -38.84 -2.24
N GLY B 179 -14.63 -37.74 -2.92
CA GLY B 179 -15.78 -37.70 -3.80
C GLY B 179 -17.16 -37.58 -3.15
N GLY B 180 -17.23 -37.48 -1.83
CA GLY B 180 -18.51 -37.30 -1.16
C GLY B 180 -18.96 -35.84 -0.99
N PRO B 181 -20.21 -35.66 -0.53
CA PRO B 181 -20.81 -34.36 -0.25
C PRO B 181 -19.95 -33.51 0.67
N VAL B 182 -20.11 -32.20 0.62
CA VAL B 182 -19.44 -31.32 1.60
C VAL B 182 -20.47 -30.63 2.49
N VAL B 183 -20.09 -30.32 3.72
CA VAL B 183 -21.07 -29.70 4.64
C VAL B 183 -21.51 -28.30 4.20
N ASN B 184 -22.78 -27.98 4.45
CA ASN B 184 -23.35 -26.63 4.34
C ASN B 184 -22.58 -25.62 5.20
N PHE B 185 -22.71 -24.33 4.90
CA PHE B 185 -22.15 -23.27 5.75
C PHE B 185 -23.00 -22.01 5.60
N GLU B 186 -22.76 -21.03 6.46
CA GLU B 186 -23.43 -19.73 6.36
C GLU B 186 -22.62 -18.82 5.46
N PRO B 187 -23.26 -18.13 4.51
CA PRO B 187 -22.53 -17.17 3.67
C PRO B 187 -21.76 -16.17 4.50
N GLY B 188 -20.45 -16.16 4.33
CA GLY B 188 -19.63 -15.25 5.10
C GLY B 188 -18.56 -16.05 5.84
N GLN B 189 -18.84 -17.33 6.02
CA GLN B 189 -17.92 -18.22 6.70
C GLN B 189 -16.64 -18.50 5.92
N TYR B 190 -15.63 -19.02 6.64
CA TYR B 190 -14.35 -19.39 6.03
C TYR B 190 -13.92 -20.84 6.27
N THR B 191 -13.07 -21.32 5.37
CA THR B 191 -12.31 -22.53 5.59
C THR B 191 -10.89 -22.18 5.98
N SER B 192 -10.05 -23.18 6.21
CA SER B 192 -8.63 -22.93 6.44
C SER B 192 -7.94 -23.87 5.50
N VAL B 193 -7.01 -23.35 4.73
CA VAL B 193 -6.16 -24.19 3.90
C VAL B 193 -4.92 -24.55 4.72
N ALA B 194 -4.63 -25.84 4.83
CA ALA B 194 -3.38 -26.28 5.43
C ALA B 194 -2.51 -26.87 4.34
N ILE B 195 -1.29 -26.36 4.21
CA ILE B 195 -0.39 -26.79 3.15
C ILE B 195 1.07 -26.69 3.52
N ASP B 196 1.88 -27.58 2.98
CA ASP B 196 3.30 -27.62 3.27
C ASP B 196 4.04 -26.50 2.51
N VAL B 197 4.83 -25.71 3.25
CA VAL B 197 5.63 -24.63 2.71
C VAL B 197 7.10 -25.03 2.59
N PRO B 198 7.55 -25.29 1.36
CA PRO B 198 8.90 -25.80 1.14
C PRO B 198 9.99 -24.90 1.73
N ALA B 199 9.92 -23.60 1.43
CA ALA B 199 10.86 -22.62 2.00
C ALA B 199 10.99 -22.73 3.53
N LEU B 200 9.91 -23.12 4.21
CA LEU B 200 9.89 -23.21 5.67
C LEU B 200 10.18 -24.61 6.16
N GLY B 201 9.98 -25.59 5.29
CA GLY B 201 10.05 -26.98 5.71
C GLY B 201 8.98 -27.25 6.75
N LEU B 202 7.86 -26.53 6.68
CA LEU B 202 6.73 -26.62 7.62
C LEU B 202 5.37 -26.52 6.95
N GLN B 203 4.37 -27.16 7.55
CA GLN B 203 2.98 -26.87 7.21
C GLN B 203 2.66 -25.40 7.63
N GLN B 204 1.86 -24.70 6.84
CA GLN B 204 1.26 -23.44 7.27
C GLN B 204 -0.23 -23.45 6.99
N ILE B 205 -0.97 -22.67 7.75
CA ILE B 205 -2.43 -22.65 7.67
C ILE B 205 -2.88 -21.22 7.47
N ARG B 206 -3.84 -21.03 6.56
CA ARG B 206 -4.42 -19.69 6.36
C ARG B 206 -5.90 -19.80 6.11
N GLN B 207 -6.66 -18.87 6.66
CA GLN B 207 -8.09 -18.80 6.44
C GLN B 207 -8.39 -18.13 5.12
N TYR B 208 -9.45 -18.59 4.44
CA TYR B 208 -9.98 -17.98 3.19
C TYR B 208 -11.48 -18.06 3.19
N SER B 209 -12.13 -16.95 2.91
CA SER B 209 -13.59 -16.91 2.92
C SER B 209 -14.15 -17.83 1.85
N LEU B 210 -15.25 -18.50 2.14
CA LEU B 210 -15.83 -19.31 1.08
C LEU B 210 -16.61 -18.39 0.13
N SER B 211 -16.07 -18.21 -1.06
CA SER B 211 -16.52 -17.13 -1.90
C SER B 211 -17.69 -17.46 -2.83
N ASP B 212 -18.14 -18.70 -2.83
CA ASP B 212 -19.37 -19.04 -3.52
C ASP B 212 -20.51 -19.42 -2.56
N MET B 213 -21.65 -19.77 -3.14
CA MET B 213 -22.79 -20.23 -2.36
C MET B 213 -22.62 -21.73 -1.96
N PRO B 214 -23.27 -22.16 -0.87
CA PRO B 214 -23.33 -23.61 -0.61
C PRO B 214 -24.02 -24.32 -1.78
N ASN B 215 -23.41 -25.40 -2.27
CA ASN B 215 -24.02 -26.22 -3.33
C ASN B 215 -24.00 -27.70 -2.94
N GLY B 216 -23.23 -28.04 -1.92
CA GLY B 216 -23.19 -29.44 -1.43
C GLY B 216 -22.12 -30.34 -2.04
N ARG B 217 -21.47 -29.84 -3.11
CA ARG B 217 -20.42 -30.56 -3.84
C ARG B 217 -18.99 -29.99 -3.69
N SER B 218 -18.86 -28.66 -3.67
CA SER B 218 -17.56 -28.01 -3.79
C SER B 218 -17.48 -26.70 -3.06
N TYR B 219 -16.28 -26.17 -2.92
CA TYR B 219 -16.03 -24.91 -2.24
C TYR B 219 -15.18 -24.06 -3.14
N ARG B 220 -15.33 -22.74 -2.98
CA ARG B 220 -14.55 -21.80 -3.75
C ARG B 220 -13.81 -20.86 -2.81
N ILE B 221 -12.54 -20.69 -3.07
CA ILE B 221 -11.80 -19.64 -2.39
C ILE B 221 -11.18 -18.75 -3.42
N SER B 222 -10.98 -17.49 -3.04
CA SER B 222 -10.46 -16.51 -3.96
C SER B 222 -9.32 -15.74 -3.29
N VAL B 223 -8.13 -15.93 -3.84
CA VAL B 223 -6.91 -15.63 -3.14
C VAL B 223 -6.16 -14.52 -3.80
N LYS B 224 -5.83 -13.50 -3.01
CA LYS B 224 -5.08 -12.35 -3.49
C LYS B 224 -3.61 -12.65 -3.31
N ARG B 225 -2.82 -12.44 -4.37
CA ARG B 225 -1.37 -12.62 -4.24
C ARG B 225 -0.79 -11.51 -3.35
N GLU B 226 -0.18 -11.89 -2.24
CA GLU B 226 0.43 -10.91 -1.35
C GLU B 226 1.89 -10.85 -1.77
N GLY B 227 2.20 -9.90 -2.64
CA GLY B 227 3.43 -9.90 -3.43
C GLY B 227 4.52 -8.99 -2.90
N GLY B 228 5.40 -8.58 -3.82
CA GLY B 228 6.62 -7.84 -3.48
C GLY B 228 6.39 -6.36 -3.20
N GLY B 229 7.31 -5.53 -3.69
CA GLY B 229 7.33 -4.11 -3.35
C GLY B 229 7.78 -4.01 -1.90
N PRO B 230 9.05 -3.64 -1.68
CA PRO B 230 9.93 -3.87 -0.54
C PRO B 230 9.52 -4.96 0.47
N GLN B 231 8.26 -5.00 0.89
CA GLN B 231 7.78 -6.06 1.79
C GLN B 231 7.97 -7.47 1.19
N PRO B 232 8.47 -8.43 2.02
CA PRO B 232 8.62 -9.82 1.62
C PRO B 232 7.32 -10.46 1.12
N PRO B 233 7.40 -11.38 0.14
CA PRO B 233 6.16 -12.01 -0.36
C PRO B 233 5.51 -12.87 0.70
N GLY B 234 4.18 -12.99 0.65
CA GLY B 234 3.42 -13.89 1.51
C GLY B 234 3.79 -15.31 1.17
N TYR B 235 3.71 -16.19 2.17
CA TYR B 235 4.07 -17.59 1.98
C TYR B 235 3.02 -18.37 1.22
N VAL B 236 1.83 -18.45 1.80
CA VAL B 236 0.81 -19.35 1.28
C VAL B 236 0.16 -18.82 0.01
N SER B 237 -0.06 -17.50 -0.08
CA SER B 237 -0.78 -16.93 -1.21
C SER B 237 0.08 -17.02 -2.47
N ASN B 238 1.39 -16.80 -2.34
CA ASN B 238 2.25 -16.99 -3.49
C ASN B 238 2.35 -18.46 -3.87
N LEU B 239 2.26 -19.33 -2.88
CA LEU B 239 2.38 -20.75 -3.14
C LEU B 239 1.17 -21.25 -3.93
N LEU B 240 -0.02 -20.80 -3.56
CA LEU B 240 -1.20 -21.15 -4.32
C LEU B 240 -1.17 -20.57 -5.74
N HIS B 241 -0.72 -19.34 -5.87
CA HIS B 241 -0.71 -18.71 -7.18
C HIS B 241 0.22 -19.43 -8.14
N ASP B 242 1.48 -19.56 -7.77
CA ASP B 242 2.50 -20.12 -8.63
C ASP B 242 2.61 -21.65 -8.61
N HIS B 243 2.37 -22.32 -7.49
CA HIS B 243 2.67 -23.76 -7.45
C HIS B 243 1.51 -24.75 -7.31
N VAL B 244 0.29 -24.26 -7.06
CA VAL B 244 -0.87 -25.14 -6.95
C VAL B 244 -1.73 -25.04 -8.22
N ASN B 245 -2.13 -26.19 -8.75
CA ASN B 245 -2.76 -26.26 -10.07
C ASN B 245 -3.92 -27.20 -10.10
N VAL B 246 -4.57 -27.27 -11.26
CA VAL B 246 -5.65 -28.22 -11.47
C VAL B 246 -5.13 -29.65 -11.24
N GLY B 247 -5.66 -30.31 -10.22
CA GLY B 247 -5.31 -31.68 -9.94
C GLY B 247 -4.42 -31.88 -8.73
N ASP B 248 -3.92 -30.80 -8.15
CA ASP B 248 -3.15 -30.88 -6.91
C ASP B 248 -4.10 -30.89 -5.71
N GLN B 249 -3.56 -31.19 -4.54
CA GLN B 249 -4.35 -31.43 -3.35
C GLN B 249 -3.93 -30.52 -2.18
N VAL B 250 -4.92 -30.08 -1.41
CA VAL B 250 -4.70 -29.31 -0.21
C VAL B 250 -5.57 -29.90 0.88
N LYS B 251 -5.28 -29.54 2.13
CA LYS B 251 -6.15 -29.91 3.22
C LYS B 251 -7.03 -28.73 3.62
N LEU B 252 -8.31 -29.00 3.88
CA LEU B 252 -9.24 -27.95 4.35
C LEU B 252 -9.88 -28.27 5.67
N ALA B 253 -10.14 -27.23 6.43
CA ALA B 253 -10.95 -27.33 7.64
C ALA B 253 -12.42 -27.18 7.26
N ALA B 254 -13.32 -27.66 8.10
CA ALA B 254 -14.75 -27.44 7.92
C ALA B 254 -15.04 -25.93 8.06
N PRO B 255 -16.15 -25.47 7.52
CA PRO B 255 -16.51 -24.05 7.63
C PRO B 255 -16.71 -23.56 9.04
N TYR B 256 -16.10 -22.41 9.35
CA TYR B 256 -16.30 -21.75 10.63
C TYR B 256 -16.40 -20.25 10.47
N GLY B 257 -16.81 -19.58 11.53
CA GLY B 257 -16.73 -18.13 11.65
C GLY B 257 -18.08 -17.64 12.10
N SER B 258 -18.08 -16.46 12.72
CA SER B 258 -19.30 -15.89 13.30
C SER B 258 -19.79 -14.71 12.48
N PHE B 259 -19.08 -14.43 11.39
CA PHE B 259 -19.47 -13.37 10.48
C PHE B 259 -20.27 -13.94 9.31
N HIS B 260 -21.56 -13.64 9.27
CA HIS B 260 -22.39 -14.13 8.18
C HIS B 260 -23.78 -13.54 8.19
N ILE B 261 -24.49 -13.70 7.07
CA ILE B 261 -25.90 -13.34 7.01
C ILE B 261 -26.74 -14.39 7.75
N ASP B 262 -27.91 -13.95 8.20
CA ASP B 262 -28.96 -14.83 8.68
C ASP B 262 -29.67 -15.17 7.39
N VAL B 263 -29.64 -16.43 6.98
CA VAL B 263 -30.23 -16.82 5.70
C VAL B 263 -31.75 -16.76 5.71
N ASP B 264 -32.33 -17.04 6.87
CA ASP B 264 -33.78 -17.11 7.05
C ASP B 264 -34.43 -15.74 7.19
N ALA B 265 -33.60 -14.70 7.32
CA ALA B 265 -34.09 -13.33 7.49
C ALA B 265 -34.57 -12.77 6.15
N LYS B 266 -35.53 -11.85 6.20
CA LYS B 266 -36.04 -11.22 4.98
C LYS B 266 -35.77 -9.71 4.91
N THR B 267 -35.34 -9.14 6.03
CA THR B 267 -34.76 -7.79 6.11
C THR B 267 -33.54 -7.57 5.16
N PRO B 268 -33.32 -6.32 4.66
CA PRO B 268 -32.26 -6.02 3.67
C PRO B 268 -30.80 -6.20 4.13
N ILE B 269 -29.88 -6.25 3.16
CA ILE B 269 -28.43 -6.31 3.45
C ILE B 269 -27.60 -5.31 2.62
N VAL B 270 -26.65 -4.64 3.28
CA VAL B 270 -25.74 -3.72 2.60
C VAL B 270 -24.34 -4.32 2.76
N LEU B 271 -23.73 -4.64 1.63
CA LEU B 271 -22.48 -5.36 1.58
C LEU B 271 -21.35 -4.44 1.14
N ILE B 272 -20.50 -4.08 2.10
CA ILE B 272 -19.48 -3.04 1.87
C ILE B 272 -18.07 -3.62 1.94
N SER B 273 -17.42 -3.69 0.78
CA SER B 273 -16.14 -4.37 0.73
C SER B 273 -15.07 -3.56 0.03
N GLY B 274 -13.83 -3.78 0.48
CA GLY B 274 -12.65 -3.16 -0.08
C GLY B 274 -11.76 -4.26 -0.54
N GLY B 275 -11.36 -4.21 -1.82
CA GLY B 275 -10.39 -5.16 -2.36
C GLY B 275 -10.84 -6.61 -2.16
N VAL B 276 -9.92 -7.46 -1.72
CA VAL B 276 -10.22 -8.88 -1.61
C VAL B 276 -11.32 -9.10 -0.55
N GLY B 277 -11.61 -8.07 0.22
CA GLY B 277 -12.65 -8.16 1.23
C GLY B 277 -14.02 -8.55 0.67
N LEU B 278 -14.12 -8.58 -0.66
CA LEU B 278 -15.36 -8.91 -1.36
C LEU B 278 -15.68 -10.38 -1.29
N THR B 279 -14.65 -11.21 -1.13
CA THR B 279 -14.85 -12.66 -1.18
C THR B 279 -16.04 -13.19 -0.34
N PRO B 280 -16.18 -12.82 0.95
CA PRO B 280 -17.39 -13.38 1.61
C PRO B 280 -18.72 -12.69 1.18
N MET B 281 -18.64 -11.46 0.68
CA MET B 281 -19.81 -10.71 0.17
C MET B 281 -20.47 -11.40 -1.02
N VAL B 282 -19.67 -12.04 -1.85
CA VAL B 282 -20.15 -12.69 -3.06
C VAL B 282 -21.05 -13.83 -2.71
N SER B 283 -20.66 -14.56 -1.67
CA SER B 283 -21.40 -15.70 -1.17
C SER B 283 -22.76 -15.22 -0.66
N MET B 284 -22.74 -14.13 0.11
CA MET B 284 -23.95 -13.51 0.67
C MET B 284 -24.87 -12.97 -0.44
N LEU B 285 -24.30 -12.22 -1.38
CA LEU B 285 -25.00 -11.82 -2.61
C LEU B 285 -25.78 -12.99 -3.23
N LYS B 286 -25.05 -14.03 -3.64
CA LYS B 286 -25.61 -15.14 -4.40
C LYS B 286 -26.71 -15.89 -3.67
N VAL B 287 -26.64 -15.92 -2.34
CA VAL B 287 -27.66 -16.60 -1.55
C VAL B 287 -28.90 -15.72 -1.40
N ALA B 288 -28.72 -14.50 -0.89
CA ALA B 288 -29.81 -13.53 -0.71
C ALA B 288 -30.64 -13.28 -1.98
N LEU B 289 -30.01 -13.39 -3.14
CA LEU B 289 -30.66 -13.05 -4.40
C LEU B 289 -31.80 -13.98 -4.79
N GLN B 290 -31.77 -15.20 -4.27
CA GLN B 290 -32.95 -16.06 -4.35
C GLN B 290 -33.78 -15.79 -3.09
N ALA B 291 -35.10 -15.95 -3.21
CA ALA B 291 -36.04 -15.72 -2.11
C ALA B 291 -36.42 -14.24 -2.01
N PRO B 292 -37.75 -13.96 -1.98
CA PRO B 292 -38.32 -12.61 -2.05
C PRO B 292 -37.85 -11.66 -0.94
N PRO B 293 -37.35 -10.46 -1.32
CA PRO B 293 -36.80 -10.16 -2.64
C PRO B 293 -35.32 -10.54 -2.94
N ARG B 294 -34.34 -10.37 -2.04
CA ARG B 294 -34.46 -10.00 -0.63
C ARG B 294 -34.06 -8.53 -0.40
N GLN B 295 -33.27 -8.00 -1.33
CA GLN B 295 -32.70 -6.62 -1.31
C GLN B 295 -31.24 -6.60 -0.87
N VAL B 296 -30.36 -6.38 -1.85
CA VAL B 296 -28.95 -6.39 -1.64
C VAL B 296 -28.39 -5.11 -2.23
N VAL B 297 -27.56 -4.40 -1.45
CA VAL B 297 -26.78 -3.30 -1.98
C VAL B 297 -25.30 -3.69 -1.91
N PHE B 298 -24.65 -3.78 -3.07
CA PHE B 298 -23.30 -4.31 -3.14
C PHE B 298 -22.39 -3.15 -3.46
N VAL B 299 -21.59 -2.76 -2.46
CA VAL B 299 -20.77 -1.54 -2.48
C VAL B 299 -19.32 -1.97 -2.40
N HIS B 300 -18.59 -1.74 -3.49
CA HIS B 300 -17.24 -2.25 -3.60
C HIS B 300 -16.26 -1.16 -3.97
N GLY B 301 -15.15 -1.13 -3.25
CA GLY B 301 -14.01 -0.28 -3.59
C GLY B 301 -12.83 -1.12 -4.05
N ALA B 302 -12.24 -0.71 -5.15
CA ALA B 302 -11.06 -1.30 -5.72
C ALA B 302 -10.19 -0.19 -6.29
N ARG B 303 -8.90 -0.49 -6.51
CA ARG B 303 -7.96 0.45 -7.14
C ARG B 303 -8.44 0.88 -8.53
N ASN B 304 -8.78 -0.10 -9.36
CA ASN B 304 -9.13 0.15 -10.77
C ASN B 304 -9.61 -1.16 -11.37
N SER B 305 -9.70 -1.20 -12.70
CA SER B 305 -10.30 -2.36 -13.35
C SER B 305 -9.35 -3.54 -13.33
N ALA B 306 -8.06 -3.25 -13.42
CA ALA B 306 -7.04 -4.32 -13.46
C ALA B 306 -7.08 -5.20 -12.20
N VAL B 307 -7.28 -4.59 -11.03
CA VAL B 307 -7.30 -5.30 -9.74
C VAL B 307 -8.73 -5.66 -9.21
N HIS B 308 -9.77 -5.23 -9.95
CA HIS B 308 -11.21 -5.48 -9.61
C HIS B 308 -11.64 -6.91 -9.94
N ALA B 309 -11.89 -7.70 -8.90
CA ALA B 309 -12.25 -9.10 -9.10
C ALA B 309 -13.74 -9.27 -9.34
N MET B 310 -14.06 -10.26 -10.17
CA MET B 310 -15.45 -10.60 -10.55
C MET B 310 -16.21 -9.41 -11.14
N ARG B 311 -15.51 -8.63 -11.95
CA ARG B 311 -16.07 -7.37 -12.42
C ARG B 311 -17.24 -7.56 -13.41
N ASP B 312 -17.02 -8.37 -14.45
CA ASP B 312 -18.07 -8.68 -15.43
C ASP B 312 -19.26 -9.45 -14.81
N ARG B 313 -19.01 -10.23 -13.77
CA ARG B 313 -20.10 -11.04 -13.21
C ARG B 313 -21.07 -10.23 -12.34
N LEU B 314 -20.54 -9.25 -11.62
CA LEU B 314 -21.37 -8.41 -10.77
C LEU B 314 -22.18 -7.42 -11.62
N ARG B 315 -21.55 -6.93 -12.68
CA ARG B 315 -22.19 -6.01 -13.61
C ARG B 315 -23.42 -6.66 -14.28
N GLU B 316 -23.28 -7.91 -14.69
CA GLU B 316 -24.34 -8.68 -15.30
C GLU B 316 -25.42 -8.97 -14.27
N ALA B 317 -24.99 -9.20 -13.04
CA ALA B 317 -25.92 -9.44 -11.96
C ALA B 317 -26.77 -8.22 -11.66
N ALA B 318 -26.20 -7.03 -11.83
CA ALA B 318 -26.90 -5.81 -11.47
C ALA B 318 -27.95 -5.43 -12.54
N LYS B 319 -27.86 -6.03 -13.72
CA LYS B 319 -28.84 -5.78 -14.79
C LYS B 319 -29.87 -6.92 -14.90
N THR B 320 -29.62 -8.03 -14.20
CA THR B 320 -30.52 -9.20 -14.20
C THR B 320 -31.44 -9.22 -12.97
N TYR B 321 -31.01 -8.57 -11.90
CA TYR B 321 -31.79 -8.59 -10.67
C TYR B 321 -32.26 -7.20 -10.26
N GLU B 322 -33.57 -7.07 -10.05
CA GLU B 322 -34.18 -5.82 -9.59
C GLU B 322 -33.87 -5.50 -8.11
N ASN B 323 -33.55 -6.53 -7.34
CA ASN B 323 -33.32 -6.40 -5.89
C ASN B 323 -31.85 -6.14 -5.56
N LEU B 324 -31.04 -5.90 -6.58
CA LEU B 324 -29.62 -5.65 -6.39
C LEU B 324 -29.25 -4.27 -6.89
N ASP B 325 -28.62 -3.47 -6.04
CA ASP B 325 -27.98 -2.24 -6.48
C ASP B 325 -26.50 -2.43 -6.43
N LEU B 326 -25.83 -1.99 -7.48
CA LEU B 326 -24.38 -2.09 -7.53
C LEU B 326 -23.76 -0.71 -7.47
N PHE B 327 -22.84 -0.52 -6.53
CA PHE B 327 -22.01 0.69 -6.51
C PHE B 327 -20.52 0.36 -6.44
N VAL B 328 -19.79 0.80 -7.47
CA VAL B 328 -18.35 0.56 -7.55
C VAL B 328 -17.54 1.87 -7.44
N PHE B 329 -16.57 1.87 -6.53
CA PHE B 329 -15.61 2.97 -6.33
C PHE B 329 -14.20 2.58 -6.82
N TYR B 330 -13.57 3.45 -7.61
CA TYR B 330 -12.18 3.21 -8.05
C TYR B 330 -11.29 4.31 -7.50
N ASP B 331 -10.32 3.88 -6.70
CA ASP B 331 -9.45 4.78 -5.94
C ASP B 331 -8.46 5.49 -6.85
N GLN B 332 -7.79 4.73 -7.72
CA GLN B 332 -6.98 5.35 -8.77
C GLN B 332 -7.27 4.66 -10.09
N PRO B 333 -8.29 5.16 -10.83
CA PRO B 333 -8.76 4.65 -12.09
C PRO B 333 -7.68 4.73 -13.17
N LEU B 334 -7.54 3.65 -13.93
CA LEU B 334 -6.64 3.64 -15.09
C LEU B 334 -7.22 4.53 -16.20
N PRO B 335 -6.39 4.89 -17.21
CA PRO B 335 -6.89 5.77 -18.27
C PRO B 335 -8.04 5.19 -19.08
N GLU B 336 -8.15 3.86 -19.12
CA GLU B 336 -9.22 3.21 -19.89
C GLU B 336 -10.50 3.01 -19.08
N ASP B 337 -10.38 3.11 -17.75
CA ASP B 337 -11.51 3.12 -16.85
C ASP B 337 -12.27 4.43 -16.99
N VAL B 338 -13.58 4.37 -17.28
CA VAL B 338 -14.36 5.62 -17.38
C VAL B 338 -15.54 5.66 -16.42
N GLN B 339 -15.63 6.76 -15.65
CA GLN B 339 -16.69 6.88 -14.65
C GLN B 339 -18.04 7.07 -15.35
N GLY B 340 -19.07 6.51 -14.71
CA GLY B 340 -20.42 6.43 -15.28
C GLY B 340 -20.56 5.32 -16.31
N ARG B 341 -19.54 4.44 -16.37
CA ARG B 341 -19.47 3.45 -17.43
C ARG B 341 -18.79 2.16 -16.99
N ASP B 342 -17.59 2.28 -16.40
CA ASP B 342 -16.82 1.13 -15.92
C ASP B 342 -16.77 1.11 -14.39
N TYR B 343 -17.00 2.26 -13.77
CA TYR B 343 -17.23 2.40 -12.33
C TYR B 343 -18.24 3.52 -12.08
N ASP B 344 -18.77 3.59 -10.87
CA ASP B 344 -19.77 4.61 -10.53
C ASP B 344 -19.13 5.90 -9.97
N TYR B 345 -18.19 5.74 -9.02
CA TYR B 345 -17.59 6.90 -8.33
C TYR B 345 -16.10 6.75 -8.17
N PRO B 346 -15.35 7.88 -8.20
CA PRO B 346 -13.90 7.85 -7.94
C PRO B 346 -13.58 8.04 -6.47
N GLY B 347 -12.37 7.63 -6.08
CA GLY B 347 -11.97 7.75 -4.67
C GLY B 347 -12.32 6.51 -3.85
N LEU B 348 -12.43 6.69 -2.55
CA LEU B 348 -12.71 5.59 -1.65
C LEU B 348 -14.21 5.43 -1.48
N VAL B 349 -14.62 4.24 -1.10
CA VAL B 349 -16.01 4.02 -0.74
C VAL B 349 -16.45 5.09 0.27
N ASP B 350 -17.53 5.80 -0.08
CA ASP B 350 -18.05 6.84 0.76
C ASP B 350 -19.55 6.76 0.73
N VAL B 351 -20.12 6.40 1.87
CA VAL B 351 -21.50 6.04 1.95
C VAL B 351 -22.45 7.24 1.81
N LYS B 352 -21.95 8.44 2.11
CA LYS B 352 -22.73 9.69 1.94
C LYS B 352 -23.13 9.94 0.49
N GLN B 353 -22.31 9.45 -0.44
CA GLN B 353 -22.51 9.64 -1.86
C GLN B 353 -23.62 8.75 -2.40
N ILE B 354 -24.05 7.78 -1.59
CA ILE B 354 -25.10 6.84 -1.97
C ILE B 354 -26.05 6.62 -0.79
N GLU B 355 -26.09 7.60 0.09
CA GLU B 355 -26.83 7.55 1.35
C GLU B 355 -28.27 6.99 1.28
N LYS B 356 -29.09 7.51 0.37
CA LYS B 356 -30.48 7.06 0.29
C LYS B 356 -30.61 5.65 -0.29
N SER B 357 -29.61 5.24 -1.07
CA SER B 357 -29.56 3.89 -1.63
C SER B 357 -29.14 2.84 -0.61
N ILE B 358 -28.45 3.24 0.46
CA ILE B 358 -27.94 2.27 1.46
C ILE B 358 -28.77 2.25 2.74
N LEU B 359 -29.36 3.38 3.11
CA LEU B 359 -30.17 3.48 4.31
C LEU B 359 -31.58 2.89 4.14
N LEU B 360 -31.63 1.59 3.84
CA LEU B 360 -32.89 0.85 3.81
C LEU B 360 -33.30 0.60 5.26
N PRO B 361 -34.63 0.65 5.55
CA PRO B 361 -35.08 0.60 6.95
C PRO B 361 -34.74 -0.72 7.63
N ASP B 362 -34.31 -0.64 8.88
CA ASP B 362 -33.87 -1.81 9.65
C ASP B 362 -33.01 -2.79 8.84
N ALA B 363 -31.99 -2.27 8.15
CA ALA B 363 -31.10 -3.12 7.37
C ALA B 363 -30.04 -3.82 8.25
N ASP B 364 -29.27 -4.71 7.62
CA ASP B 364 -28.02 -5.23 8.17
C ASP B 364 -26.86 -4.81 7.27
N TYR B 365 -25.81 -4.27 7.87
CA TYR B 365 -24.61 -3.82 7.16
C TYR B 365 -23.47 -4.77 7.44
N TYR B 366 -22.73 -5.11 6.39
CA TYR B 366 -21.63 -6.07 6.50
C TYR B 366 -20.43 -5.43 5.84
N ILE B 367 -19.30 -5.44 6.54
CA ILE B 367 -18.12 -4.70 6.11
C ILE B 367 -16.92 -5.64 6.14
N CYS B 368 -16.14 -5.64 5.07
CA CYS B 368 -14.89 -6.42 5.00
C CYS B 368 -13.83 -5.75 4.14
N GLY B 369 -12.61 -5.66 4.66
CA GLY B 369 -11.50 -5.02 3.94
C GLY B 369 -10.41 -4.59 4.90
N PRO B 370 -9.39 -3.88 4.41
CA PRO B 370 -8.29 -3.43 5.29
C PRO B 370 -8.77 -2.57 6.47
N ILE B 371 -8.09 -2.69 7.61
CA ILE B 371 -8.55 -2.09 8.86
C ILE B 371 -8.92 -0.61 8.75
N PRO B 372 -8.05 0.24 8.16
CA PRO B 372 -8.52 1.61 8.13
C PRO B 372 -9.80 1.76 7.25
N PHE B 373 -9.96 0.91 6.26
CA PHE B 373 -11.17 0.94 5.43
C PHE B 373 -12.42 0.63 6.28
N MET B 374 -12.29 -0.33 7.19
CA MET B 374 -13.36 -0.76 8.07
C MET B 374 -13.74 0.25 9.15
N ARG B 375 -12.74 0.83 9.85
CA ARG B 375 -12.96 2.00 10.70
C ARG B 375 -13.74 3.07 9.96
N MET B 376 -13.30 3.39 8.74
CA MET B 376 -13.86 4.46 7.95
C MET B 376 -15.33 4.18 7.63
N GLN B 377 -15.63 2.95 7.23
CA GLN B 377 -16.99 2.57 6.88
C GLN B 377 -17.86 2.50 8.13
N HIS B 378 -17.34 1.86 9.17
CA HIS B 378 -18.02 1.79 10.46
C HIS B 378 -18.43 3.19 10.90
N ASP B 379 -17.44 4.08 10.96
CA ASP B 379 -17.62 5.45 11.42
C ASP B 379 -18.72 6.17 10.66
N ALA B 380 -18.68 6.02 9.33
CA ALA B 380 -19.61 6.71 8.44
C ALA B 380 -21.04 6.20 8.64
N LEU B 381 -21.17 4.88 8.80
CA LEU B 381 -22.44 4.21 9.05
C LEU B 381 -23.02 4.67 10.39
N LYS B 382 -22.14 4.90 11.35
CA LYS B 382 -22.52 5.29 12.70
C LYS B 382 -22.90 6.77 12.76
N ASN B 383 -22.42 7.55 11.78
CA ASN B 383 -22.80 8.98 11.68
C ASN B 383 -24.12 9.20 10.97
N LEU B 384 -24.62 8.14 10.33
CA LEU B 384 -25.96 8.12 9.74
C LEU B 384 -27.01 7.61 10.74
N GLY B 385 -26.55 6.96 11.81
CA GLY B 385 -27.43 6.61 12.93
C GLY B 385 -27.83 5.16 12.97
N ILE B 386 -27.09 4.32 12.24
CA ILE B 386 -27.30 2.88 12.29
C ILE B 386 -26.78 2.34 13.61
N HIS B 387 -27.58 1.50 14.25
CA HIS B 387 -27.23 0.94 15.54
C HIS B 387 -26.03 0.00 15.44
N GLU B 388 -25.15 0.11 16.43
CA GLU B 388 -23.94 -0.69 16.54
C GLU B 388 -24.22 -2.18 16.33
N ALA B 389 -25.41 -2.62 16.72
CA ALA B 389 -25.82 -4.02 16.63
C ALA B 389 -26.09 -4.45 15.19
N ARG B 390 -26.32 -3.48 14.31
CA ARG B 390 -26.68 -3.78 12.93
C ARG B 390 -25.50 -3.73 11.96
N ILE B 391 -24.31 -3.47 12.50
CA ILE B 391 -23.06 -3.45 11.73
C ILE B 391 -22.20 -4.68 12.01
N HIS B 392 -21.90 -5.46 10.99
CA HIS B 392 -21.14 -6.71 11.13
C HIS B 392 -19.86 -6.64 10.30
N TYR B 393 -18.78 -7.19 10.82
CA TYR B 393 -17.46 -6.99 10.23
C TYR B 393 -16.62 -8.29 10.37
N GLU B 394 -15.68 -8.52 9.45
CA GLU B 394 -14.74 -9.61 9.54
C GLU B 394 -13.34 -9.12 9.18
N VAL B 395 -12.39 -9.45 10.06
CA VAL B 395 -10.99 -9.08 9.87
C VAL B 395 -10.18 -10.20 9.20
N PHE B 396 -9.52 -9.85 8.09
CA PHE B 396 -8.57 -10.73 7.41
C PHE B 396 -7.23 -10.69 8.10
N GLY B 397 -7.25 -10.93 9.41
CA GLY B 397 -6.05 -10.95 10.25
C GLY B 397 -6.47 -11.23 11.68
N PRO B 398 -5.53 -11.20 12.63
CA PRO B 398 -5.92 -11.28 14.05
C PRO B 398 -6.93 -10.19 14.40
N ASP B 399 -7.64 -10.33 15.54
CA ASP B 399 -8.42 -9.22 16.10
C ASP B 399 -9.95 -9.27 15.90
N LEU B 400 -10.73 -8.52 16.69
CA LEU B 400 -10.32 -7.66 17.84
C LEU B 400 -9.92 -6.19 17.53
N PHE B 401 -9.98 -5.78 16.26
CA PHE B 401 -9.55 -4.42 15.85
C PHE B 401 -10.63 -3.35 15.99
N ALA B 402 -11.54 -3.28 15.02
CA ALA B 402 -12.63 -2.29 15.02
C ALA B 402 -13.78 -2.68 15.97
N GLU B 403 -13.41 -3.00 17.21
CA GLU B 403 -14.34 -3.51 18.21
C GLU B 403 -15.23 -2.42 18.79
#